data_6KC8
#
_entry.id   6KC8
#
_cell.length_a   131.604
_cell.length_b   159.517
_cell.length_c   117.963
_cell.angle_alpha   90.00
_cell.angle_beta   90.00
_cell.angle_gamma   90.00
#
_symmetry.space_group_name_H-M   'P 21 21 2'
#
loop_
_entity.id
_entity.type
_entity.pdbx_description
1 polymer 'CRISPR-associated endonuclease Cas9'
2 polymer sgRNA
3 polymer "DNA (5'-D(P*AP*AP*GP*TP*TP*AP*AP*AP*TP*AP*GP*CP*AP*GP*AP*GP*TP*GP*AP*CP*C)-3')"
4 polymer "DNA (5'-D(*AP*TP*AP*TP*GP*AP*TP*TP*TP*TP*A)-3')"
5 polymer "DNA (5'-D(*TP*AP*AP*AP*AP*TP*CP*AP*TP*AP*TP*GP*TP*A)-3')"
6 water water
#
loop_
_entity_poly.entity_id
_entity_poly.type
_entity_poly.pdbx_seq_one_letter_code
_entity_poly.pdbx_strand_id
1 'polypeptide(L)'
;SMAAFKPNSINYILGLDIGIASVGWAMVEIDEEENPIRLIDLGVRVFERAEVPKTGDSLAMARRLARSVRRLTRRRAHRL
LRTRRLLKREGVLQAANFDENGLIKSLPNTPWQLRAAALDRKLTPLEWSAVLLHLIKHRGYLSQRKNEGETADKELGALL
KGVAGNAHALQTGDFRTPAELALNKFEKESGHIRNQRSDYSHTFSRKDLQAELILLFEKQKEFGNPHVSGGLKEGIETLL
MTQRPALSGDAVQKMLGHCTFEPAEPKAAKNTYTAERFIWLTKLNNLRILEQGSERPLTDTERATLMDEPYRKSKLTYAQ
ARKLLGLEDTAFFKGLRYGKDNAEASTLMEMKAYHAISRALEKEGLKDKKSPLNLSPELQDEIGTAFSLFKTDEDITGRL
KDRIQPEILEALLKHISFDKFVQISLKALRRIVPLMEQGKRYDEACAEIYGDHYGKKNTEEKIYLPPIPADEIRNPVVLR
ALSQARKVINGVVRRYGSPARIHIETAREVGKSFKDRKEIEKRQEENRKDREKAAAKFREYFPNFVGEPKSKDILKLRLY
EQQHGKCLYSGKEINLGRLNEKGYVEIDHALPFSRTWDDSFNNKVLVLGSENQNKGNQTPYEYFNGKDNSREWQEFKARV
ETSRFPRSKKQRILLQKFDEDGFKERNLNDTRYVNRFLCQFVADRMRLTGKGKKRVFASNGQITNLLRGFWGLRKVRAEN
DRHHALDAVVVACSTVAMQQKITRFVRYKEMNAFDGKTIDKETGEVLHQKTHFPQPWEFFAQEVMIRVFGKPDGKPEFEE
ADTLEKLRTLLAEKLSSRPEAVHEYVTPLFVSRAPNRKMSGQGHMETVKSAKRLDEGVSVLRVPLTQLKLKDLEKMVNRE
REPKLYEALKARLEAHKDDPAKAFAEPFYKYDKAGNRTQQVKAVRVEQVQKTGVWVRNHNGIADNATMVRVDVFEKGDKY
YLVPIYSWQVAKGILPDRAVVQGKDEEDWQLIDDSFNFKFSLHPNDLVEVITKKARMFGYFASCHRGTGNINIRIHDLDH
KIGKNGILEGIGVKTALSFQKYQIDELGKEIRPCRLKKRPPVR
;
A
2 'polyribonucleotide'
;GGUCACUCUGCUAUUUAACUUUACGUUGUAGCUCCCUUUCUCGAAAGAGAACCGUUGCUACAAUAAGGCCGUCUGAAAAG
AUGUGCCGCAACGCUCUGCCCCUUAAAGCUCCUGCUUUAAGGGGCAUCGUUUAUC
;
B
3 'polydeoxyribonucleotide'
;(DA)(DA)(DG)(DT)(DT)(DA)(DA)(DA)(DT)(DA)(DG)(DC)(DA)(DG)(DA)(DG)(DT)(DG)(DA)(DC)
(DC)
;
C
4 'polydeoxyribonucleotide' (DA)(DT)(DA)(DT)(DG)(DA)(DT)(DT)(DT)(DT)(DA) D
5 'polydeoxyribonucleotide' (DT)(DA)(DA)(DA)(DA)(DT)(DC)(DA)(DT)(DA)(DT)(DG)(DT)(DA) P
#
# COMPACT_ATOMS: atom_id res chain seq x y z
N SER A 9 -1.23 -9.24 -44.20
CA SER A 9 -2.49 -9.94 -43.82
C SER A 9 -3.60 -8.91 -43.59
N ILE A 10 -3.47 -8.02 -42.59
CA ILE A 10 -4.46 -6.94 -42.24
C ILE A 10 -3.80 -5.81 -41.44
N ASN A 11 -4.16 -4.56 -41.74
CA ASN A 11 -3.53 -3.36 -41.14
C ASN A 11 -4.49 -2.81 -40.09
N TYR A 12 -4.12 -2.98 -38.83
CA TYR A 12 -4.91 -2.53 -37.67
C TYR A 12 -4.02 -1.72 -36.72
N ILE A 13 -4.64 -0.69 -36.15
CA ILE A 13 -4.22 -0.11 -34.84
C ILE A 13 -4.80 -1.00 -33.72
N LEU A 14 -4.01 -1.26 -32.69
CA LEU A 14 -4.46 -1.92 -31.43
C LEU A 14 -4.55 -0.86 -30.35
N GLY A 15 -5.75 -0.51 -29.91
CA GLY A 15 -5.95 0.37 -28.73
C GLY A 15 -5.94 -0.39 -27.42
N LEU A 16 -5.38 0.18 -26.35
CA LEU A 16 -5.49 -0.40 -24.98
C LEU A 16 -6.02 0.67 -23.99
N ASP A 17 -7.07 0.32 -23.24
CA ASP A 17 -7.36 0.93 -21.90
C ASP A 17 -6.95 -0.07 -20.83
N ILE A 18 -5.88 0.20 -20.08
CA ILE A 18 -5.36 -0.67 -19.00
C ILE A 18 -5.60 0.06 -17.69
N GLY A 19 -6.34 -0.60 -16.78
CA GLY A 19 -6.62 -0.15 -15.39
C GLY A 19 -5.90 -1.04 -14.38
N ILE A 20 -6.18 -0.86 -13.10
CA ILE A 20 -5.57 -1.70 -12.02
C ILE A 20 -6.03 -3.14 -12.20
N ALA A 21 -7.21 -3.32 -12.80
CA ALA A 21 -8.05 -4.55 -12.76
C ALA A 21 -8.20 -5.20 -14.13
N SER A 22 -8.11 -4.42 -15.19
CA SER A 22 -8.60 -4.83 -16.52
C SER A 22 -7.72 -4.23 -17.60
N VAL A 23 -7.71 -4.85 -18.78
CA VAL A 23 -7.28 -4.18 -20.05
C VAL A 23 -8.35 -4.43 -21.09
N GLY A 24 -9.06 -3.38 -21.47
CA GLY A 24 -9.86 -3.35 -22.71
C GLY A 24 -8.94 -3.18 -23.90
N TRP A 25 -9.20 -3.89 -24.98
CA TRP A 25 -8.38 -3.81 -26.20
C TRP A 25 -9.32 -3.74 -27.40
N ALA A 26 -8.90 -2.99 -28.41
CA ALA A 26 -9.65 -2.77 -29.67
C ALA A 26 -8.68 -2.92 -30.86
N MET A 27 -9.22 -3.32 -32.00
CA MET A 27 -8.47 -3.35 -33.26
C MET A 27 -9.26 -2.58 -34.31
N VAL A 28 -8.63 -1.59 -34.91
CA VAL A 28 -9.29 -0.78 -35.97
C VAL A 28 -8.48 -0.93 -37.25
N GLU A 29 -9.13 -1.32 -38.35
CA GLU A 29 -8.47 -1.45 -39.67
C GLU A 29 -8.34 -0.07 -40.31
N ILE A 30 -7.23 0.13 -41.03
CA ILE A 30 -6.79 1.45 -41.59
C ILE A 30 -6.47 1.29 -43.08
N ASP A 31 -6.70 2.34 -43.87
CA ASP A 31 -6.23 2.40 -45.29
C ASP A 31 -4.71 2.58 -45.27
N GLU A 32 -4.12 2.99 -46.38
CA GLU A 32 -2.66 3.16 -46.50
C GLU A 32 -2.30 4.63 -46.21
N GLU A 33 -3.26 5.56 -46.20
CA GLU A 33 -3.04 6.88 -45.53
C GLU A 33 -3.13 6.71 -44.00
N GLU A 34 -3.22 5.44 -43.53
CA GLU A 34 -3.33 4.99 -42.11
C GLU A 34 -4.64 5.50 -41.45
N ASN A 35 -5.54 6.21 -42.15
CA ASN A 35 -6.89 6.58 -41.64
C ASN A 35 -7.64 5.31 -41.25
N PRO A 36 -8.42 5.33 -40.14
CA PRO A 36 -9.13 4.14 -39.68
C PRO A 36 -10.40 3.93 -40.50
N ILE A 37 -10.55 2.73 -41.07
CA ILE A 37 -11.65 2.41 -42.02
C ILE A 37 -12.76 1.63 -41.31
N ARG A 38 -12.42 0.69 -40.42
CA ARG A 38 -13.43 -0.26 -39.90
C ARG A 38 -13.00 -0.92 -38.58
N LEU A 39 -13.99 -1.26 -37.74
CA LEU A 39 -13.79 -1.96 -36.44
C LEU A 39 -13.76 -3.46 -36.67
N ILE A 40 -12.67 -4.12 -36.25
CA ILE A 40 -12.44 -5.58 -36.43
C ILE A 40 -12.93 -6.32 -35.19
N ASP A 41 -12.10 -6.33 -34.15
CA ASP A 41 -12.29 -7.12 -32.91
C ASP A 41 -12.27 -6.14 -31.74
N LEU A 42 -12.84 -6.53 -30.60
CA LEU A 42 -12.62 -5.83 -29.31
C LEU A 42 -12.76 -6.85 -28.19
N GLY A 43 -12.36 -6.50 -26.98
CA GLY A 43 -12.41 -7.42 -25.83
C GLY A 43 -12.08 -6.75 -24.53
N VAL A 44 -12.33 -7.44 -23.42
CA VAL A 44 -12.01 -6.93 -22.07
C VAL A 44 -11.42 -8.09 -21.29
N ARG A 45 -10.26 -7.91 -20.70
CA ARG A 45 -9.56 -8.97 -19.94
C ARG A 45 -9.40 -8.47 -18.51
N VAL A 46 -10.06 -9.14 -17.58
CA VAL A 46 -10.08 -8.78 -16.13
C VAL A 46 -9.16 -9.71 -15.38
N PHE A 47 -8.43 -9.17 -14.39
CA PHE A 47 -7.50 -9.92 -13.50
C PHE A 47 -7.50 -9.31 -12.09
N GLU A 48 -8.57 -8.61 -11.74
CA GLU A 48 -9.02 -8.25 -10.37
C GLU A 48 -8.77 -9.43 -9.42
N ARG A 49 -8.56 -9.17 -8.13
CA ARG A 49 -8.69 -10.24 -7.09
C ARG A 49 -8.54 -9.75 -5.63
N ALA A 50 -7.94 -8.58 -5.37
CA ALA A 50 -7.13 -8.34 -4.16
C ALA A 50 -7.84 -7.47 -3.10
N GLU A 51 -7.04 -6.80 -2.25
CA GLU A 51 -7.45 -5.74 -1.29
C GLU A 51 -8.10 -6.37 -0.04
N VAL A 52 -7.25 -6.85 0.89
CA VAL A 52 -7.63 -7.25 2.29
C VAL A 52 -8.46 -6.12 2.92
N PRO A 53 -9.78 -6.28 3.19
CA PRO A 53 -10.56 -5.20 3.80
C PRO A 53 -10.33 -5.07 5.31
N GLY A 56 -6.83 -2.16 4.45
CA GLY A 56 -7.42 -2.19 3.09
C GLY A 56 -6.40 -1.96 1.98
N ASP A 57 -5.23 -2.60 2.07
CA ASP A 57 -3.97 -2.17 1.41
C ASP A 57 -3.61 -3.09 0.22
N SER A 58 -2.62 -3.98 0.37
CA SER A 58 -2.07 -4.87 -0.69
C SER A 58 -2.08 -6.30 -0.18
N LEU A 59 -1.84 -7.27 -1.04
CA LEU A 59 -1.76 -8.69 -0.64
C LEU A 59 -0.31 -9.02 -0.35
N ALA A 60 0.59 -8.55 -1.20
CA ALA A 60 2.04 -8.67 -0.99
C ALA A 60 2.40 -8.05 0.36
N MET A 61 1.70 -6.99 0.74
CA MET A 61 1.95 -6.32 2.05
C MET A 61 1.56 -7.26 3.19
N ALA A 62 0.43 -7.94 3.06
CA ALA A 62 -0.06 -8.90 4.08
C ALA A 62 1.04 -9.96 4.28
N ARG A 63 1.53 -10.52 3.17
CA ARG A 63 2.62 -11.53 3.18
C ARG A 63 3.80 -10.94 3.93
N ARG A 64 4.15 -9.71 3.57
CA ARG A 64 5.30 -9.03 4.21
C ARG A 64 5.13 -9.12 5.73
N LEU A 65 4.01 -8.64 6.27
CA LEU A 65 3.90 -8.38 7.73
C LEU A 65 3.87 -9.72 8.46
N ALA A 66 3.29 -10.75 7.83
CA ALA A 66 3.37 -12.16 8.27
C ALA A 66 4.83 -12.54 8.52
N ARG A 67 5.64 -12.52 7.47
CA ARG A 67 7.09 -12.86 7.52
C ARG A 67 7.76 -11.98 8.58
N SER A 68 7.45 -10.68 8.66
CA SER A 68 8.03 -9.80 9.70
C SER A 68 7.80 -10.42 11.08
N VAL A 69 6.54 -10.75 11.41
CA VAL A 69 6.19 -11.26 12.76
C VAL A 69 6.81 -12.65 12.95
N ARG A 70 6.88 -13.49 11.91
CA ARG A 70 7.43 -14.86 12.05
C ARG A 70 8.86 -14.72 12.59
N ARG A 71 9.55 -13.69 12.16
CA ARG A 71 10.95 -13.43 12.57
C ARG A 71 10.92 -12.96 14.00
N LEU A 72 10.14 -11.94 14.33
CA LEU A 72 10.05 -11.47 15.73
C LEU A 72 9.76 -12.66 16.65
N THR A 73 8.65 -13.36 16.40
CA THR A 73 8.25 -14.63 17.07
C THR A 73 9.48 -15.53 17.30
N ARG A 74 10.03 -16.05 16.21
CA ARG A 74 11.14 -17.04 16.22
C ARG A 74 12.30 -16.54 17.09
N ARG A 75 12.63 -15.27 16.95
CA ARG A 75 13.88 -14.74 17.50
C ARG A 75 13.69 -14.53 18.98
N ARG A 76 12.46 -14.21 19.42
CA ARG A 76 12.22 -14.05 20.86
C ARG A 76 12.26 -15.46 21.50
N ALA A 77 11.55 -16.40 20.89
CA ALA A 77 11.56 -17.80 21.38
C ALA A 77 13.00 -18.23 21.53
N HIS A 78 13.81 -17.94 20.49
CA HIS A 78 15.18 -18.45 20.33
C HIS A 78 16.06 -17.84 21.42
N ARG A 79 15.96 -16.54 21.63
CA ARG A 79 16.82 -15.88 22.64
C ARG A 79 16.43 -16.42 24.02
N LEU A 80 15.15 -16.71 24.25
CA LEU A 80 14.72 -17.23 25.58
C LEU A 80 15.30 -18.63 25.74
N LEU A 81 15.25 -19.45 24.70
CA LEU A 81 15.87 -20.81 24.71
C LEU A 81 17.34 -20.70 25.12
N ARG A 82 18.08 -19.85 24.44
CA ARG A 82 19.52 -19.67 24.72
C ARG A 82 19.67 -19.15 26.15
N THR A 83 18.69 -18.41 26.68
CA THR A 83 18.77 -17.91 28.06
C THR A 83 18.65 -19.08 29.04
N ARG A 84 17.79 -20.04 28.74
CA ARG A 84 17.59 -21.23 29.62
C ARG A 84 18.88 -22.03 29.60
N ARG A 85 19.41 -22.25 28.39
CA ARG A 85 20.68 -22.98 28.22
C ARG A 85 21.79 -22.30 29.05
N LEU A 86 21.88 -20.97 28.97
CA LEU A 86 22.93 -20.21 29.68
C LEU A 86 22.73 -20.39 31.18
N LEU A 87 21.50 -20.23 31.68
CA LEU A 87 21.20 -20.44 33.13
C LEU A 87 21.74 -21.81 33.60
N LYS A 88 21.60 -22.87 32.80
CA LYS A 88 22.10 -24.22 33.17
C LYS A 88 23.63 -24.21 33.16
N ARG A 89 24.26 -23.80 32.06
CA ARG A 89 25.74 -23.89 31.88
C ARG A 89 26.47 -23.10 32.98
N GLU A 90 25.92 -22.01 33.49
CA GLU A 90 26.56 -21.18 34.56
C GLU A 90 26.05 -21.63 35.94
N GLY A 91 25.45 -22.82 36.01
CA GLY A 91 25.10 -23.54 37.26
C GLY A 91 23.99 -22.89 38.07
N VAL A 92 23.24 -21.94 37.53
CA VAL A 92 22.03 -21.35 38.18
C VAL A 92 20.98 -22.46 38.32
N LEU A 93 20.93 -23.36 37.34
CA LEU A 93 20.00 -24.52 37.37
C LEU A 93 20.80 -25.81 37.18
N GLN A 94 20.22 -26.96 37.52
CA GLN A 94 20.98 -28.25 37.64
C GLN A 94 20.11 -29.41 37.14
N ALA A 95 19.51 -29.27 35.97
CA ALA A 95 18.98 -30.40 35.15
C ALA A 95 17.75 -31.03 35.80
N ALA A 96 17.64 -30.98 37.12
CA ALA A 96 16.48 -31.49 37.89
C ALA A 96 15.38 -30.41 37.93
N ASN A 97 15.66 -29.23 37.37
CA ASN A 97 14.68 -28.11 37.30
C ASN A 97 14.06 -28.03 35.91
N PHE A 98 14.55 -28.79 34.92
CA PHE A 98 14.04 -28.80 33.51
C PHE A 98 13.12 -30.00 33.28
N ASP A 99 11.98 -29.77 32.61
CA ASP A 99 11.02 -30.83 32.19
C ASP A 99 11.49 -31.42 30.85
N GLU A 100 10.78 -32.43 30.34
CA GLU A 100 11.12 -33.09 29.06
C GLU A 100 11.30 -32.01 27.96
N ASN A 101 10.38 -31.06 27.90
CA ASN A 101 10.22 -30.12 26.76
C ASN A 101 11.30 -29.03 26.82
N GLY A 102 11.87 -28.76 27.98
CA GLY A 102 13.02 -27.85 28.12
C GLY A 102 12.70 -26.69 29.01
N LEU A 103 11.48 -26.68 29.59
CA LEU A 103 10.96 -25.56 30.41
C LEU A 103 11.43 -25.74 31.86
N ILE A 104 11.52 -24.64 32.60
CA ILE A 104 11.95 -24.62 34.02
C ILE A 104 10.79 -25.03 34.94
N LYS A 105 11.02 -25.99 35.84
CA LYS A 105 10.01 -26.57 36.75
C LYS A 105 9.84 -25.64 37.96
N SER A 106 8.59 -25.37 38.30
CA SER A 106 8.21 -24.60 39.51
C SER A 106 8.83 -23.19 39.40
N LEU A 107 8.89 -22.66 38.18
CA LEU A 107 9.36 -21.27 37.94
C LEU A 107 8.37 -20.33 38.62
N PRO A 108 8.80 -19.47 39.56
CA PRO A 108 7.89 -18.52 40.19
C PRO A 108 7.16 -17.64 39.15
N ASN A 109 5.88 -17.38 39.40
CA ASN A 109 5.02 -16.53 38.54
C ASN A 109 4.96 -15.13 39.13
N THR A 110 6.08 -14.70 39.73
CA THR A 110 6.19 -13.54 40.64
C THR A 110 7.19 -12.50 40.11
N PRO A 111 7.54 -12.44 38.82
CA PRO A 111 8.81 -11.81 38.42
C PRO A 111 8.86 -10.32 38.75
N TRP A 112 7.74 -9.61 38.70
CA TRP A 112 7.75 -8.14 38.98
C TRP A 112 8.12 -7.93 40.46
N GLN A 113 7.51 -8.70 41.35
CA GLN A 113 7.67 -8.53 42.82
C GLN A 113 9.10 -8.92 43.23
N LEU A 114 9.66 -10.00 42.67
CA LEU A 114 11.07 -10.43 42.91
C LEU A 114 12.03 -9.45 42.24
N ARG A 115 11.60 -8.82 41.15
CA ARG A 115 12.45 -7.84 40.43
C ARG A 115 12.70 -6.67 41.38
N ALA A 116 11.64 -6.23 42.05
CA ALA A 116 11.70 -5.17 43.08
C ALA A 116 12.52 -5.70 44.26
N ALA A 117 12.14 -6.87 44.78
CA ALA A 117 12.65 -7.40 46.06
C ALA A 117 14.14 -7.73 45.95
N ALA A 118 14.63 -8.13 44.77
CA ALA A 118 16.05 -8.54 44.56
C ALA A 118 16.97 -7.39 44.95
N LEU A 119 16.51 -6.15 44.78
CA LEU A 119 17.25 -4.91 45.17
C LEU A 119 17.53 -4.93 46.69
N ASP A 120 16.84 -5.77 47.49
CA ASP A 120 16.87 -5.73 48.99
C ASP A 120 17.19 -7.10 49.63
N ARG A 121 17.17 -8.22 48.88
CA ARG A 121 17.46 -9.56 49.46
C ARG A 121 18.15 -10.46 48.41
N LYS A 122 18.82 -11.52 48.85
CA LYS A 122 19.34 -12.60 47.96
C LYS A 122 18.14 -13.42 47.44
N LEU A 123 18.21 -13.91 46.20
CA LEU A 123 17.09 -14.62 45.52
C LEU A 123 17.43 -16.09 45.27
N THR A 124 16.43 -16.96 45.48
CA THR A 124 16.47 -18.38 45.08
C THR A 124 16.99 -18.45 43.65
N PRO A 125 17.87 -19.40 43.33
CA PRO A 125 18.15 -19.74 41.93
C PRO A 125 16.93 -19.70 41.01
N LEU A 126 15.81 -20.30 41.41
CA LEU A 126 14.55 -20.19 40.62
C LEU A 126 14.06 -18.73 40.59
N GLU A 127 14.13 -18.00 41.70
CA GLU A 127 13.71 -16.56 41.76
C GLU A 127 14.56 -15.73 40.78
N TRP A 128 15.87 -15.87 40.86
CA TRP A 128 16.85 -15.14 40.01
C TRP A 128 16.61 -15.51 38.54
N SER A 129 16.52 -16.81 38.24
CA SER A 129 16.19 -17.33 36.89
C SER A 129 14.95 -16.60 36.36
N ALA A 130 13.88 -16.60 37.15
CA ALA A 130 12.58 -15.97 36.79
C ALA A 130 12.77 -14.48 36.44
N VAL A 131 13.52 -13.74 37.26
CA VAL A 131 13.82 -12.30 36.99
C VAL A 131 14.53 -12.15 35.64
N LEU A 132 15.56 -12.95 35.39
CA LEU A 132 16.39 -12.79 34.16
C LEU A 132 15.58 -13.10 32.91
N LEU A 133 14.91 -14.25 32.86
CA LEU A 133 14.01 -14.63 31.73
C LEU A 133 12.96 -13.53 31.55
N HIS A 134 12.52 -12.88 32.61
CA HIS A 134 11.48 -11.83 32.53
C HIS A 134 12.06 -10.57 31.86
N LEU A 135 13.28 -10.18 32.22
CA LEU A 135 13.92 -8.98 31.61
C LEU A 135 14.24 -9.24 30.14
N ILE A 136 14.47 -10.48 29.77
CA ILE A 136 14.88 -10.83 28.39
C ILE A 136 13.61 -10.89 27.55
N LYS A 137 12.53 -11.46 28.10
CA LYS A 137 11.26 -11.65 27.33
C LYS A 137 10.59 -10.28 27.09
N HIS A 138 10.59 -9.36 28.05
CA HIS A 138 10.07 -7.98 27.86
C HIS A 138 11.22 -7.00 27.99
N ARG A 139 11.87 -6.64 26.87
CA ARG A 139 13.12 -5.84 26.91
C ARG A 139 12.89 -4.42 26.42
N GLY A 140 11.65 -4.03 26.15
CA GLY A 140 11.34 -2.62 25.80
C GLY A 140 12.01 -2.24 24.49
N TYR A 141 11.67 -1.06 23.97
CA TYR A 141 12.06 -0.59 22.62
C TYR A 141 13.40 0.12 22.71
N LEU A 142 14.36 -0.24 21.83
CA LEU A 142 15.68 0.45 21.71
C LEU A 142 15.62 1.47 20.58
N SER A 143 15.97 2.74 20.86
CA SER A 143 16.06 3.86 19.89
C SER A 143 16.94 3.47 18.69
N GLN A 144 16.47 3.74 17.46
CA GLN A 144 17.14 3.25 16.23
C GLN A 144 17.42 4.41 15.26
N ARG A 145 17.38 5.68 15.69
CA ARG A 145 17.84 6.81 14.83
C ARG A 145 19.05 7.47 15.52
N LYS A 146 19.74 8.38 14.81
CA LYS A 146 21.05 8.96 15.21
C LYS A 146 20.89 9.84 16.46
N ASN A 147 21.71 9.61 17.50
CA ASN A 147 21.64 10.27 18.84
C ASN A 147 22.74 11.34 18.96
N GLU A 148 23.98 11.05 18.52
CA GLU A 148 25.09 12.01 18.42
C GLU A 148 25.15 12.55 16.98
N THR A 172 13.84 7.58 37.68
CA THR A 172 13.52 8.99 37.35
C THR A 172 13.85 9.92 38.55
N GLY A 173 13.56 9.51 39.79
CA GLY A 173 13.67 10.32 41.02
C GLY A 173 12.83 9.74 42.15
N ASP A 174 13.47 9.06 43.11
CA ASP A 174 12.87 8.40 44.30
C ASP A 174 12.33 6.99 43.96
N PHE A 175 12.84 6.29 42.92
CA PHE A 175 12.27 4.99 42.49
C PHE A 175 13.28 3.87 42.14
N ARG A 176 14.52 4.14 41.73
CA ARG A 176 15.62 3.12 41.68
C ARG A 176 15.56 2.21 40.44
N THR A 177 14.38 1.75 39.99
CA THR A 177 14.27 0.76 38.87
C THR A 177 12.84 0.65 38.35
N PRO A 178 12.67 0.49 37.01
CA PRO A 178 11.35 0.26 36.41
C PRO A 178 10.43 -0.71 37.14
N ALA A 179 10.94 -1.84 37.61
CA ALA A 179 10.13 -2.82 38.37
C ALA A 179 9.42 -2.10 39.52
N GLU A 180 10.19 -1.38 40.32
CA GLU A 180 9.73 -0.68 41.56
C GLU A 180 8.69 0.38 41.18
N LEU A 181 9.01 1.22 40.20
CA LEU A 181 8.06 2.25 39.68
C LEU A 181 6.76 1.54 39.27
N ALA A 182 6.88 0.43 38.54
CA ALA A 182 5.75 -0.33 37.94
C ALA A 182 4.81 -0.82 39.03
N LEU A 183 5.39 -1.56 39.95
CA LEU A 183 4.69 -2.14 41.12
C LEU A 183 4.11 -1.02 41.99
N ASN A 184 4.96 -0.21 42.65
CA ASN A 184 4.60 0.86 43.61
C ASN A 184 3.53 1.79 43.00
N LYS A 185 3.81 2.55 41.94
CA LYS A 185 2.84 3.52 41.34
C LYS A 185 1.67 2.77 40.65
N PHE A 186 1.95 1.98 39.60
CA PHE A 186 0.93 1.41 38.68
C PHE A 186 -0.05 0.50 39.43
N GLU A 187 0.44 -0.51 40.16
CA GLU A 187 -0.45 -1.52 40.82
C GLU A 187 -1.35 -0.83 41.84
N LYS A 188 -0.86 0.22 42.53
CA LYS A 188 -1.65 0.97 43.52
C LYS A 188 -2.76 1.74 42.78
N GLU A 189 -2.46 2.46 41.71
CA GLU A 189 -3.42 3.38 41.05
C GLU A 189 -4.40 2.62 40.15
N SER A 190 -3.86 1.78 39.26
CA SER A 190 -4.58 1.22 38.08
C SER A 190 -5.08 -0.21 38.35
N GLY A 191 -4.32 -1.02 39.12
CA GLY A 191 -4.62 -2.44 39.41
C GLY A 191 -4.02 -3.42 38.40
N HIS A 192 -2.99 -3.01 37.65
CA HIS A 192 -2.32 -3.86 36.63
C HIS A 192 -1.00 -3.22 36.22
N ILE A 193 -0.03 -4.02 35.84
CA ILE A 193 1.35 -3.57 35.51
C ILE A 193 1.48 -3.47 33.99
N ARG A 194 1.20 -4.59 33.32
CA ARG A 194 1.23 -4.75 31.85
C ARG A 194 0.17 -3.82 31.23
N ASN A 195 0.29 -3.50 29.96
CA ASN A 195 -0.66 -2.60 29.27
C ASN A 195 -1.85 -3.42 28.78
N GLN A 196 -2.94 -2.74 28.45
CA GLN A 196 -4.16 -3.29 27.80
C GLN A 196 -4.65 -2.28 26.76
N ARG A 197 -5.44 -2.65 25.74
CA ARG A 197 -5.82 -1.62 24.72
C ARG A 197 -6.58 -0.50 25.44
N SER A 198 -7.36 -0.88 26.48
CA SER A 198 -8.28 -0.04 27.30
C SER A 198 -7.50 1.03 28.07
N ASP A 199 -6.77 0.63 29.11
CA ASP A 199 -5.86 1.50 29.91
C ASP A 199 -4.41 1.14 29.54
N TYR A 200 -3.77 1.95 28.68
CA TYR A 200 -2.32 1.81 28.34
C TYR A 200 -1.53 2.76 29.26
N SER A 201 -0.77 2.17 30.19
CA SER A 201 0.01 2.89 31.24
C SER A 201 1.50 2.89 30.87
N HIS A 202 2.18 1.78 31.11
CA HIS A 202 3.66 1.67 31.10
C HIS A 202 4.15 1.26 29.70
N THR A 203 5.10 1.99 29.14
CA THR A 203 6.09 1.45 28.17
C THR A 203 7.47 1.80 28.72
N PHE A 204 8.44 0.87 28.68
CA PHE A 204 9.81 1.08 29.20
C PHE A 204 10.83 1.06 28.06
N SER A 205 11.82 1.93 28.15
CA SER A 205 13.03 1.95 27.29
C SER A 205 13.85 0.68 27.56
N ARG A 206 14.55 0.19 26.54
CA ARG A 206 15.48 -0.94 26.74
C ARG A 206 16.68 -0.47 27.58
N LYS A 207 17.10 0.78 27.45
CA LYS A 207 18.22 1.37 28.23
C LYS A 207 17.82 1.41 29.71
N ASP A 208 16.57 1.78 30.01
CA ASP A 208 16.00 1.67 31.37
C ASP A 208 16.21 0.25 31.91
N LEU A 209 15.74 -0.77 31.20
CA LEU A 209 15.79 -2.18 31.65
C LEU A 209 17.23 -2.66 31.71
N GLN A 210 18.11 -2.10 30.90
CA GLN A 210 19.56 -2.37 31.03
C GLN A 210 20.00 -1.93 32.43
N ALA A 211 19.79 -0.64 32.73
CA ALA A 211 20.10 -0.05 34.05
C ALA A 211 19.68 -1.07 35.11
N GLU A 212 18.40 -1.45 35.08
CA GLU A 212 17.83 -2.40 36.05
C GLU A 212 18.75 -3.63 36.08
N LEU A 213 19.06 -4.21 34.93
CA LEU A 213 19.77 -5.52 34.90
C LEU A 213 21.08 -5.44 35.69
N ILE A 214 21.94 -4.48 35.35
CA ILE A 214 23.29 -4.34 35.99
C ILE A 214 23.11 -3.99 37.48
N LEU A 215 22.11 -3.17 37.82
CA LEU A 215 21.76 -2.83 39.23
C LEU A 215 21.49 -4.11 40.03
N LEU A 216 20.73 -5.04 39.48
CA LEU A 216 20.39 -6.33 40.12
C LEU A 216 21.64 -7.20 40.19
N PHE A 217 22.51 -7.09 39.20
CA PHE A 217 23.73 -7.90 39.16
C PHE A 217 24.63 -7.47 40.32
N GLU A 218 24.78 -6.15 40.55
CA GLU A 218 25.57 -5.59 41.69
C GLU A 218 24.90 -5.90 43.04
N LYS A 219 23.64 -5.46 43.22
CA LYS A 219 22.86 -5.63 44.48
C LYS A 219 22.87 -7.13 44.84
N GLN A 220 22.82 -8.01 43.84
CA GLN A 220 22.69 -9.46 44.08
C GLN A 220 24.06 -10.01 44.48
N LYS A 221 25.15 -9.45 43.95
CA LYS A 221 26.52 -9.94 44.27
C LYS A 221 26.81 -9.62 45.74
N GLU A 222 26.46 -8.41 46.17
CA GLU A 222 26.86 -7.96 47.53
C GLU A 222 25.93 -8.59 48.57
N PHE A 223 24.80 -9.17 48.17
CA PHE A 223 23.87 -9.88 49.09
C PHE A 223 24.17 -11.38 49.04
N GLY A 224 25.32 -11.76 48.46
CA GLY A 224 25.86 -13.13 48.48
C GLY A 224 25.18 -14.06 47.49
N ASN A 225 24.64 -13.57 46.37
CA ASN A 225 24.18 -14.46 45.27
C ASN A 225 25.41 -15.12 44.67
N PRO A 226 25.48 -16.46 44.58
CA PRO A 226 26.62 -17.12 43.94
C PRO A 226 26.64 -16.86 42.43
N HIS A 227 25.47 -16.86 41.79
CA HIS A 227 25.31 -16.78 40.31
C HIS A 227 25.33 -15.31 39.87
N VAL A 228 26.34 -14.58 40.31
CA VAL A 228 26.73 -13.27 39.71
C VAL A 228 27.93 -13.56 38.79
N SER A 229 27.75 -14.64 38.01
CA SER A 229 28.78 -15.56 37.48
C SER A 229 29.52 -14.98 36.26
N GLY A 230 29.85 -13.67 36.23
CA GLY A 230 30.75 -13.02 35.26
C GLY A 230 30.39 -13.26 33.77
N GLY A 231 30.57 -14.49 33.30
CA GLY A 231 30.13 -14.91 31.96
C GLY A 231 28.62 -14.77 31.80
N LEU A 232 27.85 -15.14 32.83
CA LEU A 232 26.38 -14.97 32.80
C LEU A 232 26.00 -13.48 32.79
N LYS A 233 26.68 -12.59 33.53
CA LYS A 233 26.45 -11.12 33.44
C LYS A 233 26.49 -10.71 31.96
N GLU A 234 27.63 -10.90 31.30
CA GLU A 234 27.87 -10.48 29.89
C GLU A 234 26.85 -11.17 28.96
N GLY A 235 26.67 -12.49 29.11
CA GLY A 235 25.77 -13.31 28.27
C GLY A 235 24.36 -12.74 28.27
N ILE A 236 23.69 -12.81 29.42
CA ILE A 236 22.35 -12.20 29.68
C ILE A 236 22.33 -10.80 29.05
N GLU A 237 23.27 -9.93 29.41
CA GLU A 237 23.25 -8.52 28.93
C GLU A 237 23.19 -8.46 27.40
N THR A 238 23.96 -9.27 26.68
CA THR A 238 24.00 -9.14 25.20
C THR A 238 22.71 -9.72 24.62
N LEU A 239 22.16 -10.82 25.17
CA LEU A 239 20.84 -11.33 24.68
C LEU A 239 19.77 -10.25 24.85
N LEU A 240 19.86 -9.45 25.92
CA LEU A 240 18.93 -8.33 26.18
C LEU A 240 19.12 -7.29 25.10
N MET A 241 20.36 -7.03 24.75
CA MET A 241 20.71 -5.75 24.09
C MET A 241 20.75 -5.89 22.58
N THR A 242 20.87 -7.11 22.07
CA THR A 242 21.20 -7.39 20.65
C THR A 242 19.94 -7.51 19.81
N GLN A 243 19.96 -6.82 18.67
CA GLN A 243 19.01 -7.04 17.57
C GLN A 243 19.77 -6.87 16.25
N ARG A 244 19.36 -7.64 15.25
CA ARG A 244 19.99 -7.59 13.93
C ARG A 244 19.93 -6.19 13.36
N PRO A 245 20.88 -5.79 12.50
CA PRO A 245 20.83 -4.48 11.88
C PRO A 245 19.83 -4.52 10.70
N ALA A 246 19.08 -3.42 10.58
CA ALA A 246 18.01 -3.15 9.60
C ALA A 246 18.56 -3.19 8.18
N LEU A 247 19.85 -2.83 8.02
CA LEU A 247 20.55 -2.74 6.71
C LEU A 247 22.00 -3.15 6.92
N SER A 248 22.40 -4.30 6.39
CA SER A 248 23.77 -4.83 6.48
C SER A 248 24.12 -5.60 5.21
N GLY A 249 25.35 -5.46 4.75
CA GLY A 249 25.84 -6.08 3.50
C GLY A 249 25.25 -5.39 2.30
N ASP A 250 24.90 -6.20 1.32
CA ASP A 250 24.42 -5.73 0.01
C ASP A 250 22.94 -5.29 0.13
N ALA A 251 22.42 -5.11 1.34
CA ALA A 251 21.00 -4.78 1.57
C ALA A 251 20.55 -3.61 0.68
N VAL A 252 21.41 -2.58 0.57
CA VAL A 252 21.12 -1.30 -0.12
C VAL A 252 21.46 -1.45 -1.61
N GLN A 253 22.59 -2.08 -1.91
CA GLN A 253 23.04 -2.30 -3.30
C GLN A 253 21.97 -3.11 -4.04
N LYS A 254 21.23 -3.96 -3.33
CA LYS A 254 20.24 -4.89 -3.92
C LYS A 254 19.02 -4.10 -4.39
N MET A 255 18.68 -3.02 -3.71
CA MET A 255 17.46 -2.21 -4.02
C MET A 255 17.80 -1.03 -4.95
N LEU A 256 19.11 -0.75 -5.13
CA LEU A 256 19.62 0.50 -5.77
C LEU A 256 19.64 0.35 -7.28
N GLY A 257 19.20 1.39 -7.98
CA GLY A 257 19.15 1.45 -9.46
C GLY A 257 20.54 1.58 -10.10
N HIS A 258 20.57 1.71 -11.43
CA HIS A 258 21.79 1.62 -12.27
C HIS A 258 21.88 2.80 -13.22
N CYS A 259 23.11 3.12 -13.62
CA CYS A 259 23.47 4.38 -14.32
C CYS A 259 22.70 4.51 -15.62
N THR A 260 22.28 5.73 -15.94
CA THR A 260 21.53 6.03 -17.18
C THR A 260 22.39 5.60 -18.36
N PHE A 261 23.71 5.85 -18.25
CA PHE A 261 24.69 5.78 -19.37
C PHE A 261 25.47 4.47 -19.37
N GLU A 262 26.13 4.12 -18.26
CA GLU A 262 26.97 2.89 -18.19
C GLU A 262 26.24 1.89 -17.32
N PRO A 263 25.35 1.05 -17.90
CA PRO A 263 24.28 0.43 -17.13
C PRO A 263 24.72 -0.79 -16.32
N ALA A 264 26.01 -1.13 -16.41
CA ALA A 264 26.67 -2.17 -15.60
C ALA A 264 27.02 -1.61 -14.21
N GLU A 265 27.21 -0.30 -14.06
CA GLU A 265 27.75 0.32 -12.81
C GLU A 265 26.61 0.94 -12.02
N PRO A 266 26.68 1.02 -10.67
CA PRO A 266 25.56 1.53 -9.89
C PRO A 266 25.47 3.06 -9.94
N LYS A 267 24.31 3.59 -9.58
CA LYS A 267 24.09 5.05 -9.40
C LYS A 267 25.07 5.54 -8.34
N ALA A 268 25.44 6.82 -8.43
CA ALA A 268 26.35 7.57 -7.52
C ALA A 268 25.54 8.11 -6.35
N ALA A 269 26.14 8.13 -5.18
CA ALA A 269 25.45 8.68 -4.01
C ALA A 269 25.32 10.19 -4.19
N LYS A 270 24.28 10.77 -3.61
CA LYS A 270 24.03 12.22 -3.72
C LYS A 270 25.05 12.94 -2.85
N ASN A 271 25.51 12.34 -1.74
CA ASN A 271 26.51 12.98 -0.81
C ASN A 271 27.94 12.57 -1.20
N THR A 272 28.23 12.65 -2.50
CA THR A 272 29.53 12.42 -3.15
C THR A 272 30.09 13.76 -3.60
N TYR A 273 31.41 13.94 -3.57
CA TYR A 273 32.05 15.16 -4.11
C TYR A 273 31.67 15.31 -5.57
N THR A 274 31.87 14.23 -6.33
CA THR A 274 31.59 14.20 -7.78
C THR A 274 30.15 14.66 -8.06
N ALA A 275 29.17 14.00 -7.44
CA ALA A 275 27.71 14.18 -7.71
C ALA A 275 27.25 15.57 -7.26
N GLU A 276 27.62 15.98 -6.05
CA GLU A 276 27.30 17.33 -5.53
C GLU A 276 27.81 18.34 -6.56
N ARG A 277 29.01 18.11 -7.08
CA ARG A 277 29.66 19.03 -8.06
C ARG A 277 28.84 19.04 -9.37
N PHE A 278 28.48 17.86 -9.86
CA PHE A 278 27.69 17.68 -11.11
C PHE A 278 26.38 18.48 -11.02
N ILE A 279 25.69 18.37 -9.90
CA ILE A 279 24.47 19.16 -9.61
C ILE A 279 24.82 20.64 -9.72
N TRP A 280 25.83 21.10 -8.99
CA TRP A 280 26.20 22.55 -8.92
C TRP A 280 26.50 23.04 -10.33
N LEU A 281 27.03 22.19 -11.21
CA LEU A 281 27.38 22.64 -12.57
C LEU A 281 26.13 22.67 -13.42
N THR A 282 25.19 21.72 -13.24
CA THR A 282 23.95 21.73 -14.08
C THR A 282 23.18 22.98 -13.68
N LYS A 283 23.10 23.24 -12.38
CA LYS A 283 22.47 24.49 -11.87
C LYS A 283 23.17 25.69 -12.51
N LEU A 284 24.49 25.74 -12.42
CA LEU A 284 25.29 26.93 -12.78
C LEU A 284 25.15 27.16 -14.29
N ASN A 285 25.49 26.17 -15.11
CA ASN A 285 25.44 26.34 -16.60
C ASN A 285 24.01 26.71 -17.00
N ASN A 286 23.00 25.97 -16.53
CA ASN A 286 21.58 26.14 -16.96
C ASN A 286 21.02 27.48 -16.47
N LEU A 287 21.75 28.18 -15.58
CA LEU A 287 21.27 29.47 -15.01
C LEU A 287 21.25 30.53 -16.10
N ARG A 288 20.19 31.32 -16.13
CA ARG A 288 20.01 32.46 -17.05
C ARG A 288 19.63 33.67 -16.23
N ILE A 289 20.08 34.88 -16.59
CA ILE A 289 19.48 36.13 -16.02
C ILE A 289 18.72 36.86 -17.12
N LEU A 290 17.45 37.16 -16.84
CA LEU A 290 16.48 37.84 -17.71
C LEU A 290 16.43 39.30 -17.23
N GLU A 291 16.88 40.24 -18.06
CA GLU A 291 17.02 41.68 -17.72
C GLU A 291 15.83 42.41 -18.29
N GLN A 292 15.93 43.73 -18.48
CA GLN A 292 14.81 44.59 -18.93
C GLN A 292 14.10 43.93 -20.12
N GLY A 293 14.85 43.45 -21.11
CA GLY A 293 14.30 43.07 -22.42
C GLY A 293 14.58 41.63 -22.81
N SER A 294 15.76 41.11 -22.49
CA SER A 294 16.28 39.85 -23.08
C SER A 294 16.65 38.85 -21.98
N GLU A 295 17.27 37.75 -22.38
CA GLU A 295 17.69 36.63 -21.50
C GLU A 295 19.10 36.24 -21.92
N ARG A 296 19.97 35.98 -20.95
CA ARG A 296 21.39 35.70 -21.24
C ARG A 296 21.92 34.65 -20.27
N PRO A 297 22.79 33.74 -20.76
CA PRO A 297 23.65 32.91 -19.90
C PRO A 297 24.62 33.68 -19.00
N LEU A 298 25.33 32.96 -18.13
CA LEU A 298 26.45 33.56 -17.34
C LEU A 298 27.73 33.47 -18.18
N THR A 299 28.51 34.56 -18.18
CA THR A 299 29.87 34.66 -18.79
C THR A 299 30.84 33.75 -18.02
N ASP A 300 31.86 33.21 -18.70
CA ASP A 300 32.92 32.35 -18.12
C ASP A 300 33.46 33.00 -16.84
N THR A 301 33.54 34.33 -16.83
CA THR A 301 34.07 35.14 -15.71
C THR A 301 33.19 34.91 -14.47
N GLU A 302 31.86 35.00 -14.64
CA GLU A 302 30.85 34.83 -13.56
C GLU A 302 30.85 33.36 -13.07
N ARG A 303 30.98 32.41 -14.00
CA ARG A 303 31.10 30.97 -13.71
C ARG A 303 32.37 30.74 -12.86
N ALA A 304 33.46 31.45 -13.14
CA ALA A 304 34.68 31.37 -12.30
C ALA A 304 34.45 32.13 -10.99
N THR A 305 33.62 33.16 -10.98
CA THR A 305 33.30 33.98 -9.78
C THR A 305 32.55 33.16 -8.73
N LEU A 306 31.69 32.23 -9.17
CA LEU A 306 30.74 31.50 -8.27
C LEU A 306 31.26 30.08 -8.03
N MET A 307 31.97 29.49 -8.98
CA MET A 307 32.30 28.05 -8.97
C MET A 307 32.71 27.62 -7.56
N ASP A 308 33.50 28.41 -6.84
CA ASP A 308 34.10 27.97 -5.56
C ASP A 308 33.30 28.53 -4.37
N GLU A 309 32.22 29.28 -4.60
CA GLU A 309 31.55 30.05 -3.52
C GLU A 309 30.77 29.14 -2.54
N PRO A 310 29.91 28.19 -3.00
CA PRO A 310 29.30 27.23 -2.09
C PRO A 310 30.29 26.30 -1.35
N TYR A 311 31.51 26.12 -1.84
CA TYR A 311 32.58 25.38 -1.10
C TYR A 311 33.11 26.26 0.05
N ARG A 312 33.12 27.59 -0.15
CA ARG A 312 33.73 28.60 0.75
C ARG A 312 32.76 28.95 1.89
N LYS A 313 31.45 28.87 1.68
CA LYS A 313 30.42 29.10 2.73
C LYS A 313 29.62 27.82 2.94
N SER A 314 28.74 27.79 3.95
CA SER A 314 27.71 26.73 4.14
C SER A 314 26.88 26.60 2.85
N LYS A 315 26.38 27.71 2.32
CA LYS A 315 25.42 27.68 1.18
C LYS A 315 25.44 29.03 0.45
N LEU A 316 25.21 29.01 -0.85
CA LEU A 316 25.13 30.21 -1.71
C LEU A 316 23.66 30.48 -2.06
N THR A 317 23.02 31.41 -1.35
CA THR A 317 21.66 31.91 -1.66
C THR A 317 21.74 32.74 -2.94
N TYR A 318 20.59 33.14 -3.49
CA TYR A 318 20.52 33.91 -4.75
C TYR A 318 20.93 35.36 -4.50
N ALA A 319 20.61 35.90 -3.31
CA ALA A 319 21.03 37.26 -2.88
C ALA A 319 22.54 37.37 -2.96
N GLN A 320 23.26 36.39 -2.41
CA GLN A 320 24.74 36.41 -2.36
C GLN A 320 25.26 36.40 -3.80
N ALA A 321 24.68 35.58 -4.68
CA ALA A 321 25.04 35.52 -6.12
C ALA A 321 24.78 36.91 -6.72
N ARG A 322 23.59 37.44 -6.46
CA ARG A 322 23.18 38.80 -6.91
C ARG A 322 24.28 39.81 -6.62
N LYS A 323 24.88 39.81 -5.43
CA LYS A 323 25.92 40.81 -5.07
C LYS A 323 27.24 40.44 -5.79
N LEU A 324 27.74 39.20 -5.70
CA LEU A 324 29.12 38.84 -6.17
C LEU A 324 29.27 39.13 -7.66
N LEU A 325 28.20 38.96 -8.45
CA LEU A 325 28.19 39.27 -9.90
C LEU A 325 27.80 40.73 -10.15
N GLY A 326 27.41 41.44 -9.09
CA GLY A 326 26.99 42.85 -9.15
C GLY A 326 25.63 43.01 -9.82
N LEU A 327 25.40 42.26 -10.91
CA LEU A 327 24.23 42.39 -11.83
C LEU A 327 23.77 43.86 -11.88
N GLU A 328 22.47 44.13 -11.86
CA GLU A 328 21.90 45.48 -11.73
C GLU A 328 20.75 45.41 -10.73
N ASP A 329 19.55 45.77 -11.16
CA ASP A 329 18.29 45.64 -10.38
C ASP A 329 17.10 45.61 -11.33
N THR A 330 17.36 45.70 -12.63
CA THR A 330 16.42 45.29 -13.71
C THR A 330 16.68 43.83 -14.07
N ALA A 331 17.83 43.27 -13.64
CA ALA A 331 18.24 41.87 -13.89
C ALA A 331 17.56 40.98 -12.86
N PHE A 332 16.91 39.91 -13.31
CA PHE A 332 16.30 38.87 -12.45
C PHE A 332 16.84 37.50 -12.86
N PHE A 333 16.58 36.49 -12.02
CA PHE A 333 16.96 35.07 -12.22
C PHE A 333 15.78 34.29 -12.80
N LYS A 334 15.98 33.54 -13.89
CA LYS A 334 14.87 32.92 -14.66
C LYS A 334 14.33 31.72 -13.88
N GLY A 335 13.00 31.68 -13.73
CA GLY A 335 12.25 30.51 -13.20
C GLY A 335 12.20 30.45 -11.67
N LEU A 336 12.86 31.36 -10.95
CA LEU A 336 12.72 31.56 -9.47
C LEU A 336 11.37 32.24 -9.15
N ARG A 337 10.71 31.79 -8.06
CA ARG A 337 9.37 32.18 -7.57
C ARG A 337 9.00 33.64 -7.90
N TYR A 338 9.54 34.61 -7.14
CA TYR A 338 9.18 36.06 -7.19
C TYR A 338 7.68 36.22 -6.89
N GLY A 339 7.35 36.26 -5.60
CA GLY A 339 6.02 36.63 -5.10
C GLY A 339 6.11 37.89 -4.27
N LYS A 340 5.35 37.93 -3.18
CA LYS A 340 5.39 39.00 -2.16
C LYS A 340 6.34 38.62 -1.02
N ASP A 341 7.33 37.76 -1.27
CA ASP A 341 8.31 37.31 -0.23
C ASP A 341 9.73 37.64 -0.73
N ASN A 342 10.70 37.67 0.19
CA ASN A 342 12.16 37.81 -0.10
C ASN A 342 12.62 36.54 -0.83
N ALA A 343 12.22 36.38 -2.08
CA ALA A 343 12.31 35.11 -2.85
C ALA A 343 13.77 34.71 -3.09
N GLU A 344 14.72 35.63 -3.02
CA GLU A 344 16.14 35.30 -3.33
C GLU A 344 16.87 34.87 -2.05
N ALA A 345 16.18 34.79 -0.92
CA ALA A 345 16.74 34.25 0.35
C ALA A 345 16.97 32.75 0.16
N SER A 346 16.17 32.11 -0.69
CA SER A 346 16.19 30.64 -0.96
C SER A 346 17.56 30.25 -1.51
N THR A 347 18.15 29.17 -1.01
CA THR A 347 19.57 28.83 -1.33
C THR A 347 19.68 28.38 -2.79
N LEU A 348 20.44 29.09 -3.62
CA LEU A 348 20.79 28.67 -5.00
C LEU A 348 21.48 27.30 -4.98
N MET A 349 22.51 27.11 -4.15
CA MET A 349 23.23 25.81 -4.05
C MET A 349 23.82 25.64 -2.66
N GLU A 350 23.77 24.41 -2.11
CA GLU A 350 24.32 24.07 -0.78
C GLU A 350 25.09 22.76 -0.90
N MET A 351 26.39 22.76 -0.68
CA MET A 351 27.18 21.51 -0.78
C MET A 351 27.06 20.76 0.55
N LYS A 352 25.97 20.01 0.73
CA LYS A 352 25.60 19.45 2.06
C LYS A 352 26.70 18.55 2.58
N ALA A 353 27.21 17.63 1.74
CA ALA A 353 28.17 16.58 2.15
C ALA A 353 29.55 17.19 2.48
N TYR A 354 30.11 18.03 1.61
CA TYR A 354 31.38 18.74 1.91
C TYR A 354 31.32 19.37 3.30
N HIS A 355 30.30 20.19 3.58
CA HIS A 355 30.14 20.87 4.89
C HIS A 355 29.84 19.86 6.01
N ALA A 356 29.09 18.80 5.74
CA ALA A 356 28.78 17.78 6.75
C ALA A 356 30.09 17.15 7.24
N ILE A 357 30.94 16.69 6.32
CA ILE A 357 32.26 16.07 6.64
C ILE A 357 33.13 17.13 7.31
N SER A 358 33.16 18.33 6.73
CA SER A 358 33.93 19.46 7.30
C SER A 358 33.51 19.63 8.77
N ARG A 359 32.24 19.96 9.01
CA ARG A 359 31.71 20.26 10.37
C ARG A 359 32.03 19.10 11.32
N ALA A 360 31.99 17.85 10.83
CA ALA A 360 32.31 16.65 11.65
C ALA A 360 33.72 16.79 12.20
N LEU A 361 34.70 16.94 11.30
CA LEU A 361 36.13 17.05 11.67
C LEU A 361 36.30 18.24 12.61
N GLU A 362 35.68 19.37 12.28
CA GLU A 362 35.81 20.64 13.05
C GLU A 362 35.28 20.41 14.47
N LYS A 363 34.16 19.70 14.63
CA LYS A 363 33.50 19.46 15.94
C LYS A 363 34.35 18.51 16.80
N GLU A 364 35.20 17.66 16.21
CA GLU A 364 36.08 16.73 16.98
C GLU A 364 37.52 17.29 17.01
N GLY A 365 37.72 18.55 16.59
CA GLY A 365 39.02 19.23 16.58
C GLY A 365 40.08 18.45 15.80
N LEU A 366 39.79 18.11 14.56
CA LEU A 366 40.81 17.61 13.59
C LEU A 366 40.76 18.47 12.32
N LYS A 367 40.15 19.65 12.34
CA LYS A 367 40.18 20.56 11.17
C LYS A 367 39.85 21.98 11.63
N ASP A 368 40.59 22.95 11.10
CA ASP A 368 40.36 24.40 11.38
C ASP A 368 39.08 24.83 10.67
N LYS A 369 38.18 25.53 11.38
CA LYS A 369 36.94 26.13 10.81
C LYS A 369 37.31 27.10 9.70
N LYS A 370 38.47 27.77 9.78
CA LYS A 370 38.94 28.74 8.75
C LYS A 370 39.45 27.98 7.50
N SER A 371 40.32 26.98 7.68
CA SER A 371 41.01 26.28 6.57
C SER A 371 40.04 25.35 5.85
N PRO A 372 40.15 25.18 4.51
CA PRO A 372 39.32 24.24 3.76
C PRO A 372 39.58 22.76 4.09
N LEU A 373 38.71 21.87 3.60
CA LEU A 373 38.74 20.41 3.91
C LEU A 373 39.88 19.73 3.14
N ASN A 374 40.80 19.09 3.84
CA ASN A 374 42.07 18.58 3.26
C ASN A 374 41.92 17.08 2.95
N LEU A 375 40.94 16.74 2.12
CA LEU A 375 40.72 15.34 1.66
C LEU A 375 40.40 15.35 0.16
N SER A 376 40.99 14.42 -0.56
CA SER A 376 40.97 14.45 -2.03
C SER A 376 39.57 14.09 -2.52
N PRO A 377 39.14 14.64 -3.68
CA PRO A 377 37.94 14.18 -4.36
C PRO A 377 37.67 12.67 -4.17
N GLU A 378 38.50 11.80 -4.73
CA GLU A 378 38.21 10.32 -4.76
C GLU A 378 37.91 9.87 -3.32
N LEU A 379 38.46 10.51 -2.30
CA LEU A 379 38.25 10.12 -0.88
C LEU A 379 36.89 10.61 -0.37
N GLN A 380 36.54 11.88 -0.62
CA GLN A 380 35.17 12.40 -0.34
C GLN A 380 34.12 11.51 -1.01
N ASP A 381 34.35 11.12 -2.27
CA ASP A 381 33.51 10.15 -3.02
C ASP A 381 33.42 8.88 -2.19
N GLU A 382 34.55 8.24 -1.90
CA GLU A 382 34.61 6.88 -1.29
C GLU A 382 33.87 6.91 0.04
N ILE A 383 34.04 7.98 0.81
CA ILE A 383 33.40 8.12 2.14
C ILE A 383 31.89 8.38 1.98
N GLY A 384 31.51 9.32 1.10
CA GLY A 384 30.10 9.60 0.76
C GLY A 384 29.35 8.32 0.39
N THR A 385 29.91 7.51 -0.50
CA THR A 385 29.27 6.25 -0.95
C THR A 385 29.24 5.31 0.27
N ALA A 386 30.37 5.12 0.96
CA ALA A 386 30.50 4.17 2.10
C ALA A 386 29.32 4.35 3.07
N PHE A 387 29.09 5.59 3.52
CA PHE A 387 27.95 5.93 4.41
C PHE A 387 26.59 5.68 3.72
N SER A 388 26.44 5.94 2.41
CA SER A 388 25.16 5.87 1.69
C SER A 388 24.76 4.41 1.49
N LEU A 389 25.72 3.47 1.36
CA LEU A 389 25.42 2.04 1.01
C LEU A 389 25.53 1.11 2.22
N PHE A 390 26.02 1.62 3.36
CA PHE A 390 26.25 0.83 4.60
C PHE A 390 25.85 1.69 5.79
N LYS A 391 25.35 1.07 6.88
CA LYS A 391 24.97 1.84 8.07
C LYS A 391 25.64 1.28 9.32
N THR A 392 25.91 -0.03 9.41
CA THR A 392 26.60 -0.58 10.62
C THR A 392 28.04 -0.07 10.64
N ASP A 393 28.54 0.37 11.80
CA ASP A 393 29.94 0.81 11.98
C ASP A 393 30.84 -0.29 11.40
N GLU A 394 30.51 -1.56 11.67
CA GLU A 394 31.22 -2.75 11.16
C GLU A 394 31.41 -2.61 9.64
N ASP A 395 30.32 -2.50 8.88
CA ASP A 395 30.34 -2.41 7.39
C ASP A 395 31.24 -1.24 6.99
N ILE A 396 31.01 -0.06 7.55
CA ILE A 396 31.50 1.20 6.89
C ILE A 396 32.99 1.39 7.22
N THR A 397 33.46 0.97 8.41
CA THR A 397 34.92 0.81 8.64
C THR A 397 35.39 -0.25 7.64
N GLY A 398 34.81 -1.44 7.70
CA GLY A 398 35.04 -2.51 6.70
C GLY A 398 35.43 -1.97 5.33
N ARG A 399 34.87 -0.85 4.87
CA ARG A 399 35.19 -0.30 3.53
C ARG A 399 36.13 0.91 3.65
N LEU A 400 36.26 1.53 4.81
CA LEU A 400 37.10 2.74 4.93
C LEU A 400 38.44 2.44 5.61
N LYS A 401 38.55 1.44 6.50
CA LYS A 401 39.76 1.14 7.34
C LYS A 401 41.05 1.69 6.70
N ASP A 402 41.37 1.13 5.53
CA ASP A 402 42.71 1.22 4.89
C ASP A 402 42.81 2.56 4.18
N ARG A 403 41.75 2.99 3.50
CA ARG A 403 41.75 4.21 2.67
C ARG A 403 41.65 5.49 3.51
N ILE A 404 41.53 5.42 4.84
CA ILE A 404 41.31 6.66 5.65
C ILE A 404 41.80 6.44 7.09
N GLN A 405 42.21 7.50 7.78
CA GLN A 405 42.99 7.38 9.04
C GLN A 405 42.05 7.28 10.24
N PRO A 406 42.25 6.27 11.11
CA PRO A 406 41.28 5.93 12.16
C PRO A 406 40.80 7.11 13.03
N GLU A 407 41.68 8.08 13.30
CA GLU A 407 41.35 9.27 14.12
C GLU A 407 40.06 9.89 13.57
N ILE A 408 40.13 10.31 12.30
CA ILE A 408 39.03 11.03 11.59
C ILE A 408 37.94 10.00 11.22
N LEU A 409 38.29 8.75 10.94
CA LEU A 409 37.26 7.71 10.63
C LEU A 409 36.24 7.74 11.77
N GLU A 410 36.70 7.55 13.01
CA GLU A 410 35.81 7.57 14.20
C GLU A 410 35.09 8.93 14.26
N ALA A 411 35.79 10.05 14.02
CA ALA A 411 35.16 11.38 14.04
C ALA A 411 33.88 11.36 13.17
N LEU A 412 34.02 10.90 11.93
CA LEU A 412 32.96 10.90 10.90
C LEU A 412 31.87 9.91 11.28
N LEU A 413 32.30 8.71 11.63
CA LEU A 413 31.40 7.64 12.09
C LEU A 413 30.54 8.17 13.24
N LYS A 414 31.06 9.08 14.06
CA LYS A 414 30.35 9.68 15.23
C LYS A 414 29.20 10.61 14.79
N HIS A 415 29.23 11.15 13.55
CA HIS A 415 28.44 12.37 13.18
C HIS A 415 27.75 12.32 11.81
N ILE A 416 28.08 11.36 10.93
CA ILE A 416 27.63 11.36 9.52
C ILE A 416 26.53 10.32 9.30
N SER A 417 25.46 10.74 8.63
CA SER A 417 24.41 9.87 8.06
C SER A 417 24.08 10.38 6.67
N PHE A 418 24.20 9.50 5.69
CA PHE A 418 23.95 9.84 4.27
C PHE A 418 22.90 8.88 3.70
N ASP A 419 22.09 9.41 2.79
CA ASP A 419 21.06 8.64 2.04
C ASP A 419 21.00 9.24 0.65
N LYS A 420 20.17 8.67 -0.23
CA LYS A 420 19.81 9.19 -1.57
C LYS A 420 20.99 9.10 -2.56
N PHE A 421 20.64 8.80 -3.80
CA PHE A 421 21.55 8.60 -4.93
C PHE A 421 21.09 9.45 -6.11
N VAL A 422 22.04 9.89 -6.92
CA VAL A 422 21.82 10.60 -8.21
C VAL A 422 21.49 9.54 -9.26
N GLN A 423 21.24 9.93 -10.50
CA GLN A 423 20.82 9.00 -11.57
C GLN A 423 21.99 8.47 -12.39
N ILE A 424 23.19 9.03 -12.21
CA ILE A 424 24.37 8.67 -13.03
C ILE A 424 25.47 8.12 -12.13
N SER A 425 26.25 7.15 -12.64
CA SER A 425 27.39 6.50 -11.94
C SER A 425 28.37 7.55 -11.49
N LEU A 426 29.24 7.15 -10.55
CA LEU A 426 30.47 7.89 -10.21
C LEU A 426 31.36 7.93 -11.44
N LYS A 427 31.42 6.83 -12.18
CA LYS A 427 32.28 6.67 -13.38
C LYS A 427 31.89 7.70 -14.44
N ALA A 428 30.66 7.63 -14.95
CA ALA A 428 30.16 8.52 -16.01
C ALA A 428 30.29 9.97 -15.56
N LEU A 429 30.14 10.24 -14.27
CA LEU A 429 30.26 11.62 -13.74
C LEU A 429 31.73 12.04 -13.75
N ARG A 430 32.65 11.15 -13.38
CA ARG A 430 34.13 11.37 -13.45
C ARG A 430 34.48 11.85 -14.86
N ARG A 431 33.79 11.32 -15.88
CA ARG A 431 34.03 11.66 -17.30
C ARG A 431 33.26 12.93 -17.72
N ILE A 432 32.10 13.22 -17.14
CA ILE A 432 31.22 14.32 -17.61
C ILE A 432 31.62 15.65 -16.96
N VAL A 433 31.70 15.66 -15.64
CA VAL A 433 31.86 16.88 -14.80
C VAL A 433 33.04 17.70 -15.32
N PRO A 434 34.21 17.08 -15.69
CA PRO A 434 35.29 17.79 -16.36
C PRO A 434 34.83 18.68 -17.53
N LEU A 435 34.08 18.10 -18.47
CA LEU A 435 33.64 18.80 -19.70
C LEU A 435 32.70 19.96 -19.31
N MET A 436 31.96 19.83 -18.22
CA MET A 436 31.01 20.88 -17.77
C MET A 436 31.75 22.01 -17.04
N GLU A 437 32.90 21.70 -16.41
CA GLU A 437 33.83 22.73 -15.87
C GLU A 437 34.43 23.54 -17.04
N GLN A 438 34.78 22.84 -18.13
CA GLN A 438 35.33 23.43 -19.39
C GLN A 438 34.20 24.01 -20.24
N GLY A 439 33.11 24.48 -19.59
CA GLY A 439 32.03 25.30 -20.17
C GLY A 439 30.83 24.49 -20.64
N LYS A 440 31.03 23.24 -21.07
CA LYS A 440 30.04 22.47 -21.88
C LYS A 440 28.68 22.41 -21.15
N ARG A 441 27.61 22.39 -21.92
CA ARG A 441 26.27 22.06 -21.41
C ARG A 441 26.21 20.55 -21.16
N TYR A 442 25.24 20.13 -20.33
CA TYR A 442 25.06 18.73 -19.90
C TYR A 442 24.89 17.85 -21.14
N ASP A 443 24.02 18.25 -22.07
CA ASP A 443 23.75 17.44 -23.29
C ASP A 443 25.02 17.35 -24.15
N GLU A 444 25.82 18.42 -24.21
CA GLU A 444 27.04 18.48 -25.06
C GLU A 444 28.03 17.48 -24.46
N ALA A 445 28.20 17.51 -23.13
CA ALA A 445 29.12 16.61 -22.40
C ALA A 445 28.75 15.16 -22.71
N CYS A 446 27.50 14.80 -22.44
CA CYS A 446 26.99 13.42 -22.64
C CYS A 446 27.13 13.00 -24.10
N ALA A 447 26.78 13.88 -25.04
CA ALA A 447 26.84 13.60 -26.49
C ALA A 447 28.30 13.28 -26.84
N GLU A 448 29.26 14.05 -26.32
CA GLU A 448 30.72 13.88 -26.61
C GLU A 448 31.21 12.51 -26.12
N ILE A 449 30.73 12.07 -24.95
CA ILE A 449 31.24 10.87 -24.25
C ILE A 449 30.49 9.64 -24.73
N TYR A 450 29.15 9.70 -24.86
CA TYR A 450 28.27 8.52 -25.12
C TYR A 450 27.49 8.61 -26.44
N GLY A 451 27.52 9.74 -27.15
CA GLY A 451 26.82 9.88 -28.43
C GLY A 451 25.58 10.74 -28.31
N ASP A 452 24.74 10.49 -27.30
CA ASP A 452 23.48 11.23 -27.02
C ASP A 452 23.34 11.36 -25.51
N HIS A 453 22.47 12.26 -25.06
CA HIS A 453 22.16 12.46 -23.62
C HIS A 453 20.90 11.66 -23.24
N TYR A 454 20.51 10.65 -24.02
CA TYR A 454 19.24 9.92 -23.82
C TYR A 454 19.39 8.69 -22.93
N GLY A 455 20.60 8.22 -22.65
CA GLY A 455 20.85 7.02 -21.82
C GLY A 455 20.86 5.74 -22.64
N LYS A 456 21.60 4.73 -22.17
CA LYS A 456 21.78 3.43 -22.87
C LYS A 456 20.46 2.65 -22.82
N LYS A 457 19.80 2.46 -23.96
CA LYS A 457 18.53 1.71 -24.04
C LYS A 457 18.76 0.41 -24.80
N ASN A 458 18.01 -0.63 -24.45
CA ASN A 458 17.91 -1.90 -25.21
C ASN A 458 16.75 -1.75 -26.21
N THR A 459 17.06 -1.35 -27.44
CA THR A 459 16.08 -1.31 -28.56
C THR A 459 16.34 -2.52 -29.45
N GLU A 460 15.59 -3.59 -29.22
CA GLU A 460 15.70 -4.86 -29.98
C GLU A 460 14.28 -5.29 -30.32
N GLU A 461 13.72 -4.66 -31.36
CA GLU A 461 12.35 -4.92 -31.88
C GLU A 461 12.14 -6.43 -32.02
N LYS A 462 11.09 -6.96 -31.42
CA LYS A 462 10.74 -8.40 -31.51
C LYS A 462 9.30 -8.50 -32.01
N ILE A 463 8.89 -9.70 -32.40
CA ILE A 463 7.57 -9.91 -33.06
C ILE A 463 6.54 -9.89 -31.93
N TYR A 464 6.85 -10.67 -30.90
CA TYR A 464 6.08 -10.79 -29.65
C TYR A 464 6.77 -9.97 -28.55
N LEU A 465 5.99 -9.09 -27.91
CA LEU A 465 6.43 -8.27 -26.77
C LEU A 465 7.15 -9.19 -25.79
N PRO A 466 8.44 -8.93 -25.47
CA PRO A 466 9.20 -9.80 -24.59
C PRO A 466 8.64 -9.80 -23.18
N PRO A 467 9.12 -10.69 -22.31
CA PRO A 467 8.81 -10.59 -20.89
C PRO A 467 9.19 -9.20 -20.35
N ILE A 468 8.34 -8.61 -19.51
CA ILE A 468 8.72 -7.43 -18.69
C ILE A 468 9.85 -7.86 -17.76
N PRO A 469 10.94 -7.08 -17.64
CA PRO A 469 12.12 -7.50 -16.88
C PRO A 469 11.85 -8.02 -15.46
N ALA A 470 10.94 -7.39 -14.71
CA ALA A 470 10.51 -7.90 -13.39
C ALA A 470 11.58 -7.63 -12.33
N ASP A 471 12.87 -7.61 -12.71
CA ASP A 471 14.01 -7.13 -11.87
C ASP A 471 13.83 -5.63 -11.61
N GLU A 472 13.09 -5.00 -12.50
CA GLU A 472 13.12 -3.56 -12.78
C GLU A 472 11.84 -2.94 -12.22
N ILE A 473 10.88 -3.77 -11.81
CA ILE A 473 9.59 -3.35 -11.18
C ILE A 473 9.42 -4.10 -9.87
N ARG A 474 9.79 -3.47 -8.76
CA ARG A 474 9.52 -3.97 -7.39
C ARG A 474 8.19 -3.35 -6.94
N ASN A 475 7.08 -3.81 -7.57
CA ASN A 475 5.67 -3.48 -7.27
C ASN A 475 4.78 -4.50 -7.97
N PRO A 476 4.31 -5.54 -7.27
CA PRO A 476 3.64 -6.68 -7.91
C PRO A 476 2.29 -6.36 -8.58
N VAL A 477 1.55 -5.36 -8.10
CA VAL A 477 0.26 -5.03 -8.78
C VAL A 477 0.58 -4.53 -10.17
N VAL A 478 1.51 -3.60 -10.27
CA VAL A 478 1.93 -3.01 -11.58
C VAL A 478 2.48 -4.13 -12.48
N LEU A 479 3.28 -5.02 -11.89
CA LEU A 479 3.93 -6.10 -12.65
C LEU A 479 2.86 -6.98 -13.27
N ARG A 480 1.85 -7.38 -12.49
CA ARG A 480 0.78 -8.26 -12.99
C ARG A 480 -0.02 -7.54 -14.08
N ALA A 481 -0.36 -6.29 -13.88
CA ALA A 481 -1.13 -5.51 -14.88
C ALA A 481 -0.35 -5.46 -16.19
N LEU A 482 0.94 -5.19 -16.13
CA LEU A 482 1.77 -5.14 -17.35
C LEU A 482 1.78 -6.53 -17.96
N SER A 483 1.95 -7.55 -17.12
CA SER A 483 2.16 -8.92 -17.63
C SER A 483 0.90 -9.38 -18.37
N GLN A 484 -0.27 -9.09 -17.81
CA GLN A 484 -1.58 -9.35 -18.47
C GLN A 484 -1.68 -8.52 -19.77
N ALA A 485 -1.28 -7.26 -19.71
CA ALA A 485 -1.34 -6.37 -20.87
C ALA A 485 -0.57 -7.00 -22.00
N ARG A 486 0.60 -7.55 -21.71
CA ARG A 486 1.46 -8.16 -22.74
C ARG A 486 0.86 -9.48 -23.22
N LYS A 487 0.17 -10.24 -22.37
CA LYS A 487 -0.47 -11.52 -22.79
C LYS A 487 -1.58 -11.16 -23.76
N VAL A 488 -2.25 -10.03 -23.57
CA VAL A 488 -3.29 -9.58 -24.53
C VAL A 488 -2.56 -9.23 -25.82
N ILE A 489 -1.49 -8.47 -25.71
CA ILE A 489 -0.81 -7.95 -26.92
C ILE A 489 -0.40 -9.16 -27.77
N ASN A 490 0.37 -10.08 -27.21
CA ASN A 490 0.89 -11.25 -27.97
C ASN A 490 -0.26 -12.15 -28.39
N GLY A 491 -1.37 -12.11 -27.66
CA GLY A 491 -2.61 -12.78 -28.10
C GLY A 491 -3.04 -12.26 -29.46
N VAL A 492 -3.18 -10.94 -29.64
CA VAL A 492 -3.69 -10.35 -30.91
C VAL A 492 -2.58 -10.44 -31.96
N VAL A 493 -1.34 -10.61 -31.57
CA VAL A 493 -0.28 -10.79 -32.59
C VAL A 493 -0.40 -12.22 -33.14
N ARG A 494 -0.59 -13.23 -32.30
CA ARG A 494 -0.74 -14.62 -32.79
C ARG A 494 -2.00 -14.72 -33.65
N ARG A 495 -3.05 -13.96 -33.36
CA ARG A 495 -4.34 -14.14 -34.05
C ARG A 495 -4.37 -13.29 -35.33
N TYR A 496 -3.69 -12.15 -35.40
CA TYR A 496 -3.87 -11.20 -36.52
C TYR A 496 -2.53 -10.65 -37.03
N GLY A 497 -1.41 -11.25 -36.61
CA GLY A 497 -0.06 -10.78 -36.97
C GLY A 497 0.28 -9.44 -36.32
N SER A 498 1.40 -8.83 -36.72
CA SER A 498 1.96 -7.64 -36.05
C SER A 498 1.09 -6.46 -36.43
N PRO A 499 0.73 -5.57 -35.49
CA PRO A 499 -0.08 -4.41 -35.83
C PRO A 499 0.74 -3.31 -36.52
N ALA A 500 0.04 -2.32 -37.07
CA ALA A 500 0.66 -1.07 -37.59
C ALA A 500 1.16 -0.25 -36.41
N ARG A 501 0.25 0.07 -35.50
CA ARG A 501 0.50 0.95 -34.33
C ARG A 501 -0.25 0.39 -33.11
N ILE A 502 0.35 0.51 -31.93
CA ILE A 502 -0.35 0.30 -30.62
C ILE A 502 -0.60 1.68 -30.01
N HIS A 503 -1.86 1.96 -29.70
CA HIS A 503 -2.28 3.21 -29.00
C HIS A 503 -2.59 2.87 -27.54
N ILE A 504 -1.97 3.55 -26.59
CA ILE A 504 -2.14 3.28 -25.13
C ILE A 504 -2.67 4.53 -24.43
N GLU A 505 -3.65 4.37 -23.56
CA GLU A 505 -4.14 5.45 -22.67
C GLU A 505 -3.23 5.53 -21.43
N THR A 506 -2.56 6.66 -21.25
CA THR A 506 -1.73 6.99 -20.07
C THR A 506 -2.52 7.98 -19.24
N ALA A 507 -1.92 8.46 -18.15
CA ALA A 507 -2.60 9.17 -17.07
C ALA A 507 -2.23 10.66 -17.06
N ARG A 508 -1.56 11.14 -18.11
CA ARG A 508 -1.09 12.55 -18.18
C ARG A 508 -2.31 13.38 -18.54
N GLU A 509 -2.19 14.69 -18.36
CA GLU A 509 -3.27 15.66 -18.61
C GLU A 509 -2.89 16.49 -19.84
N VAL A 510 -3.90 16.78 -20.67
CA VAL A 510 -3.77 17.57 -21.92
C VAL A 510 -3.03 18.87 -21.56
N GLY A 511 -2.14 19.33 -22.45
CA GLY A 511 -1.32 20.52 -22.17
C GLY A 511 -2.17 21.66 -21.62
N LYS A 512 -1.76 22.31 -20.52
CA LYS A 512 -2.62 23.32 -19.88
C LYS A 512 -2.33 24.73 -20.42
N SER A 513 -3.27 25.65 -20.25
CA SER A 513 -3.07 27.08 -20.61
C SER A 513 -2.05 27.69 -19.66
N PHE A 514 -1.53 28.87 -20.03
CA PHE A 514 -0.49 29.59 -19.26
C PHE A 514 -1.07 29.91 -17.89
N LYS A 515 -2.26 30.50 -17.85
CA LYS A 515 -2.90 30.98 -16.59
C LYS A 515 -3.08 29.77 -15.68
N ASP A 516 -3.67 28.70 -16.22
CA ASP A 516 -3.87 27.40 -15.52
C ASP A 516 -2.59 27.05 -14.78
N ARG A 517 -1.48 26.87 -15.50
CA ARG A 517 -0.33 26.14 -14.92
C ARG A 517 0.49 27.06 -14.05
N LYS A 518 0.35 28.37 -14.20
CA LYS A 518 1.05 29.30 -13.30
C LYS A 518 0.25 29.42 -12.00
N GLU A 519 -1.05 29.15 -12.02
CA GLU A 519 -1.82 29.03 -10.76
C GLU A 519 -1.53 27.67 -10.12
N ILE A 520 -1.43 26.60 -10.91
CA ILE A 520 -0.89 25.32 -10.37
C ILE A 520 0.43 25.60 -9.64
N GLU A 521 1.36 26.30 -10.28
CA GLU A 521 2.69 26.64 -9.68
C GLU A 521 2.50 27.49 -8.41
N LYS A 522 1.61 28.49 -8.43
CA LYS A 522 1.35 29.34 -7.24
C LYS A 522 1.06 28.40 -6.06
N ARG A 523 0.16 27.45 -6.26
CA ARG A 523 -0.40 26.65 -5.14
C ARG A 523 0.63 25.60 -4.76
N GLN A 524 1.41 25.12 -5.72
CA GLN A 524 2.51 24.17 -5.38
C GLN A 524 3.48 24.94 -4.48
N GLU A 525 3.80 26.16 -4.88
CA GLU A 525 4.80 27.00 -4.16
C GLU A 525 4.35 27.19 -2.71
N GLU A 526 3.07 27.51 -2.51
CA GLU A 526 2.57 27.80 -1.14
C GLU A 526 2.41 26.49 -0.37
N ASN A 527 2.22 25.34 -1.02
CA ASN A 527 2.34 24.04 -0.33
C ASN A 527 3.72 23.97 0.34
N ARG A 528 4.79 24.20 -0.42
CA ARG A 528 6.16 24.28 0.15
C ARG A 528 6.10 25.30 1.29
N LYS A 529 5.78 26.56 0.96
CA LYS A 529 5.84 27.72 1.90
C LYS A 529 5.01 27.47 3.18
N ASP A 530 3.89 26.76 3.10
CA ASP A 530 3.06 26.42 4.30
C ASP A 530 3.80 25.40 5.18
N ARG A 531 4.49 24.43 4.59
CA ARG A 531 5.18 23.36 5.37
C ARG A 531 6.35 23.97 6.16
N GLU A 532 7.11 24.93 5.63
CA GLU A 532 8.18 25.59 6.44
C GLU A 532 7.51 26.47 7.52
N LYS A 533 6.45 27.23 7.19
CA LYS A 533 5.75 28.14 8.16
C LYS A 533 5.35 27.34 9.40
N ALA A 534 4.51 26.30 9.23
CA ALA A 534 4.04 25.39 10.31
C ALA A 534 5.21 24.62 10.96
N ALA A 535 6.24 24.21 10.19
CA ALA A 535 7.46 23.52 10.68
C ALA A 535 8.23 24.43 11.66
N ALA A 536 8.35 25.71 11.33
CA ALA A 536 9.07 26.74 12.13
C ALA A 536 8.38 26.88 13.49
N LYS A 537 7.07 27.12 13.51
CA LYS A 537 6.35 27.31 14.80
C LYS A 537 6.29 26.00 15.59
N PHE A 538 6.45 24.85 14.91
CA PHE A 538 6.63 23.52 15.57
C PHE A 538 7.97 23.50 16.32
N ARG A 539 9.09 23.80 15.62
CA ARG A 539 10.47 23.88 16.19
C ARG A 539 10.47 24.78 17.44
N GLU A 540 9.66 25.84 17.41
CA GLU A 540 9.68 26.95 18.40
C GLU A 540 9.50 26.42 19.82
N TYR A 541 8.66 25.40 20.06
CA TYR A 541 8.23 25.00 21.43
C TYR A 541 9.10 23.88 22.03
N PHE A 542 9.47 22.83 21.28
CA PHE A 542 10.14 21.60 21.84
C PHE A 542 11.66 21.81 21.93
N SER A 551 6.60 14.59 10.67
CA SER A 551 5.55 14.62 9.61
C SER A 551 4.17 14.63 10.30
N LYS A 552 3.86 13.52 10.97
CA LYS A 552 2.88 13.41 12.07
C LYS A 552 2.78 14.75 12.80
N ASP A 553 3.94 15.25 13.24
CA ASP A 553 4.11 16.32 14.25
C ASP A 553 3.51 17.64 13.76
N ILE A 554 3.91 18.11 12.57
CA ILE A 554 3.48 19.45 12.08
C ILE A 554 1.97 19.36 11.81
N LEU A 555 1.48 18.17 11.45
CA LEU A 555 0.02 17.93 11.23
C LEU A 555 -0.73 18.18 12.53
N LYS A 556 -0.31 17.54 13.64
CA LYS A 556 -0.90 17.77 14.98
C LYS A 556 -1.09 19.29 15.18
N LEU A 557 0.02 20.04 15.14
CA LEU A 557 0.08 21.49 15.48
C LEU A 557 -0.80 22.28 14.51
N ARG A 558 -0.61 22.06 13.19
CA ARG A 558 -1.29 22.80 12.10
C ARG A 558 -2.78 22.46 12.15
N LEU A 559 -3.22 21.50 12.96
CA LEU A 559 -4.66 21.09 13.11
C LEU A 559 -5.23 21.68 14.41
N TYR A 560 -4.39 21.94 15.42
CA TYR A 560 -4.78 22.70 16.64
C TYR A 560 -5.44 24.01 16.20
N GLU A 561 -4.82 24.72 15.25
CA GLU A 561 -5.18 26.10 14.83
C GLU A 561 -6.49 26.08 14.02
N GLN A 562 -6.66 25.10 13.13
CA GLN A 562 -7.84 24.96 12.22
C GLN A 562 -9.12 24.88 13.07
N GLN A 563 -9.08 24.11 14.16
CA GLN A 563 -10.26 23.80 15.02
C GLN A 563 -10.48 24.90 16.08
N HIS A 564 -9.79 26.04 15.99
CA HIS A 564 -9.70 27.04 17.09
C HIS A 564 -9.35 26.28 18.39
N GLY A 565 -8.61 25.16 18.26
CA GLY A 565 -7.96 24.44 19.37
C GLY A 565 -8.85 23.47 20.12
N LYS A 566 -10.12 23.81 20.31
CA LYS A 566 -11.09 23.04 21.13
C LYS A 566 -11.33 21.66 20.49
N CYS A 567 -11.05 20.56 21.20
CA CYS A 567 -11.27 19.16 20.72
C CYS A 567 -12.65 19.07 20.06
N LEU A 568 -12.72 18.63 18.81
CA LEU A 568 -13.97 18.62 17.99
C LEU A 568 -15.14 18.08 18.84
N TYR A 569 -15.07 16.82 19.29
CA TYR A 569 -16.19 16.08 19.91
C TYR A 569 -16.56 16.71 21.25
N SER A 570 -15.58 16.79 22.17
CA SER A 570 -15.76 17.17 23.59
C SER A 570 -16.08 18.67 23.69
N GLY A 571 -15.11 19.50 23.32
CA GLY A 571 -15.13 20.95 23.55
C GLY A 571 -14.58 21.28 24.92
N LYS A 572 -13.35 20.84 25.20
CA LYS A 572 -12.47 21.42 26.26
C LYS A 572 -11.18 21.85 25.55
N GLU A 573 -10.82 23.13 25.69
CA GLU A 573 -9.83 23.82 24.81
C GLU A 573 -8.43 23.34 25.20
N ILE A 574 -7.92 22.34 24.47
CA ILE A 574 -6.92 21.35 24.96
C ILE A 574 -5.72 22.06 25.57
N ASN A 575 -5.28 21.61 26.75
CA ASN A 575 -3.97 21.97 27.35
C ASN A 575 -2.95 21.98 26.22
N LEU A 576 -2.42 23.15 25.88
CA LEU A 576 -1.57 23.39 24.67
C LEU A 576 -0.40 22.39 24.68
N GLY A 577 0.16 22.12 25.87
CA GLY A 577 1.30 21.19 26.06
C GLY A 577 0.91 19.75 25.79
N ARG A 578 1.82 18.82 26.07
CA ARG A 578 1.60 17.36 25.95
C ARG A 578 1.20 17.02 24.51
N LEU A 579 2.10 17.26 23.56
CA LEU A 579 1.99 16.77 22.16
C LEU A 579 2.88 15.52 21.99
N ASN A 580 3.23 14.84 23.09
CA ASN A 580 4.18 13.69 23.12
C ASN A 580 3.61 12.51 23.92
N GLU A 581 2.60 12.72 24.79
CA GLU A 581 1.95 11.65 25.59
C GLU A 581 0.99 10.87 24.70
N LYS A 582 1.49 9.82 24.01
CA LYS A 582 0.80 9.01 22.94
C LYS A 582 -0.51 8.41 23.47
N GLY A 583 -1.66 9.05 23.16
CA GLY A 583 -2.99 8.66 23.65
C GLY A 583 -3.80 9.85 24.17
N TYR A 584 -3.13 10.91 24.66
CA TYR A 584 -3.75 12.19 25.14
C TYR A 584 -4.56 12.79 23.99
N VAL A 585 -3.90 13.40 22.99
CA VAL A 585 -4.57 13.98 21.79
C VAL A 585 -4.29 13.08 20.59
N GLU A 586 -5.34 12.59 19.94
CA GLU A 586 -5.25 11.51 18.91
C GLU A 586 -5.58 12.10 17.54
N ILE A 587 -4.79 11.75 16.53
CA ILE A 587 -4.99 12.15 15.11
C ILE A 587 -6.08 11.23 14.51
N ASP A 588 -7.34 11.43 14.92
CA ASP A 588 -8.45 10.46 14.71
C ASP A 588 -8.97 10.56 13.28
N HIS A 589 -9.29 9.41 12.67
CA HIS A 589 -10.02 9.30 11.39
C HIS A 589 -11.54 9.40 11.69
N ALA A 590 -12.17 10.53 11.37
CA ALA A 590 -13.60 10.81 11.67
C ALA A 590 -14.49 9.82 10.92
N LEU A 591 -14.45 9.86 9.58
CA LEU A 591 -14.96 8.76 8.71
C LEU A 591 -13.96 7.63 8.82
N PRO A 592 -14.32 6.46 9.42
CA PRO A 592 -13.36 5.38 9.60
C PRO A 592 -12.62 5.01 8.30
N PHE A 593 -11.32 4.71 8.38
CA PHE A 593 -10.56 4.02 7.31
C PHE A 593 -11.07 2.57 7.27
N SER A 594 -11.83 2.18 8.29
CA SER A 594 -12.55 0.88 8.43
C SER A 594 -13.74 0.77 7.46
N ARG A 595 -14.35 1.88 7.02
CA ARG A 595 -15.55 1.86 6.14
C ARG A 595 -15.31 2.65 4.83
N THR A 596 -14.44 3.67 4.86
CA THR A 596 -14.34 4.72 3.80
C THR A 596 -13.18 4.45 2.86
N TRP A 597 -12.07 3.94 3.38
CA TRP A 597 -10.76 3.85 2.69
C TRP A 597 -10.32 5.28 2.33
N ASP A 598 -10.21 6.15 3.34
CA ASP A 598 -9.57 7.48 3.22
C ASP A 598 -8.51 7.69 4.32
N ASP A 599 -7.29 8.05 3.89
CA ASP A 599 -6.18 8.56 4.73
C ASP A 599 -5.68 9.88 4.13
N SER A 600 -6.53 10.62 3.42
CA SER A 600 -6.21 11.96 2.88
C SER A 600 -6.41 13.01 3.96
N PHE A 601 -6.07 14.27 3.68
CA PHE A 601 -5.97 15.36 4.67
C PHE A 601 -7.37 15.98 4.90
N ASN A 602 -8.42 15.16 4.81
CA ASN A 602 -9.85 15.60 4.81
C ASN A 602 -10.65 14.91 5.91
N ASN A 603 -10.05 13.99 6.66
CA ASN A 603 -10.80 13.00 7.47
C ASN A 603 -10.06 12.65 8.78
N LYS A 604 -9.17 13.53 9.25
CA LYS A 604 -8.46 13.36 10.55
C LYS A 604 -8.77 14.56 11.46
N VAL A 605 -9.83 14.46 12.27
CA VAL A 605 -10.17 15.44 13.35
C VAL A 605 -9.32 15.11 14.58
N LEU A 606 -8.78 16.15 15.25
CA LEU A 606 -8.04 16.04 16.53
C LEU A 606 -9.05 16.15 17.68
N VAL A 607 -8.65 15.60 18.85
CA VAL A 607 -9.49 15.42 20.07
C VAL A 607 -8.59 14.83 21.15
N LEU A 608 -9.07 14.74 22.38
CA LEU A 608 -8.30 14.14 23.52
C LEU A 608 -8.93 12.80 23.92
N GLY A 609 -8.13 11.90 24.50
CA GLY A 609 -8.36 10.44 24.62
C GLY A 609 -9.75 10.07 25.12
N SER A 610 -10.37 10.95 25.92
CA SER A 610 -11.70 10.75 26.56
C SER A 610 -12.73 10.27 25.53
N GLU A 611 -12.86 10.95 24.37
CA GLU A 611 -14.01 10.73 23.44
C GLU A 611 -13.65 9.90 22.21
N ASN A 612 -12.39 9.51 22.00
CA ASN A 612 -12.05 8.59 20.87
C ASN A 612 -12.27 7.14 21.28
N GLN A 613 -12.26 6.88 22.60
CA GLN A 613 -12.56 5.56 23.21
C GLN A 613 -13.97 5.13 22.78
N ASN A 614 -15.02 5.84 23.20
CA ASN A 614 -16.43 5.36 23.20
C ASN A 614 -17.13 5.53 21.83
N LYS A 615 -16.38 5.64 20.73
CA LYS A 615 -16.96 5.77 19.37
C LYS A 615 -16.78 4.46 18.58
N GLY A 616 -15.69 3.72 18.83
CA GLY A 616 -15.27 2.56 18.02
C GLY A 616 -15.24 2.89 16.54
N ASN A 617 -15.83 2.03 15.70
CA ASN A 617 -15.91 2.20 14.22
C ASN A 617 -17.24 2.89 13.89
N GLN A 618 -17.26 4.23 13.93
CA GLN A 618 -18.49 5.02 13.68
C GLN A 618 -18.13 6.40 13.11
N THR A 619 -18.96 6.91 12.20
CA THR A 619 -18.85 8.27 11.60
C THR A 619 -19.24 9.31 12.64
N PRO A 620 -18.74 10.56 12.51
CA PRO A 620 -19.06 11.63 13.46
C PRO A 620 -20.56 11.82 13.72
N TYR A 621 -21.42 11.44 12.75
CA TYR A 621 -22.91 11.50 12.85
C TYR A 621 -23.43 10.29 13.63
N GLU A 622 -22.93 9.08 13.34
CA GLU A 622 -23.33 7.83 14.04
C GLU A 622 -22.83 7.91 15.50
N TYR A 623 -21.66 8.52 15.74
CA TYR A 623 -21.06 8.68 17.10
C TYR A 623 -21.87 9.69 17.92
N PHE A 624 -22.25 10.83 17.31
CA PHE A 624 -22.89 11.98 18.00
C PHE A 624 -24.42 11.96 17.80
N ASN A 625 -25.06 10.81 18.05
CA ASN A 625 -26.49 10.67 18.46
C ASN A 625 -27.49 10.76 17.29
N GLY A 626 -27.06 10.65 16.03
CA GLY A 626 -27.93 10.29 14.87
C GLY A 626 -29.19 11.13 14.73
N LYS A 627 -30.35 10.46 14.67
CA LYS A 627 -31.68 10.98 14.22
C LYS A 627 -32.09 12.27 14.96
N ASP A 628 -31.80 12.39 16.27
CA ASP A 628 -32.22 13.54 17.12
C ASP A 628 -30.98 14.32 17.60
N ASN A 629 -31.14 15.62 17.89
CA ASN A 629 -30.05 16.55 18.31
C ASN A 629 -29.48 16.11 19.67
N SER A 630 -28.35 16.67 20.09
CA SER A 630 -27.64 16.31 21.36
C SER A 630 -26.45 17.25 21.58
N ARG A 631 -26.18 17.62 22.85
CA ARG A 631 -25.18 18.62 23.32
C ARG A 631 -23.91 18.58 22.46
N GLU A 632 -23.29 17.39 22.37
CA GLU A 632 -22.03 17.15 21.63
C GLU A 632 -22.28 17.24 20.11
N TRP A 633 -23.49 16.86 19.64
CA TRP A 633 -23.87 16.88 18.20
C TRP A 633 -24.02 18.33 17.70
N GLN A 634 -24.62 19.21 18.52
CA GLN A 634 -24.84 20.63 18.17
C GLN A 634 -23.54 21.41 18.42
N GLU A 635 -22.77 21.03 19.45
CA GLU A 635 -21.40 21.58 19.68
C GLU A 635 -20.51 21.18 18.50
N PHE A 636 -20.78 20.01 17.88
CA PHE A 636 -20.04 19.50 16.69
C PHE A 636 -20.47 20.30 15.46
N LYS A 637 -21.78 20.50 15.26
CA LYS A 637 -22.34 21.34 14.16
C LYS A 637 -21.71 22.75 14.25
N ALA A 638 -21.67 23.32 15.46
CA ALA A 638 -20.97 24.60 15.78
C ALA A 638 -19.52 24.52 15.29
N ARG A 639 -18.68 23.80 16.04
CA ARG A 639 -17.23 23.63 15.76
C ARG A 639 -17.02 23.51 14.25
N VAL A 640 -17.87 22.75 13.56
CA VAL A 640 -17.74 22.45 12.09
C VAL A 640 -17.95 23.73 11.28
N GLU A 641 -19.10 24.40 11.43
CA GLU A 641 -19.38 25.69 10.74
C GLU A 641 -18.22 26.66 11.04
N THR A 642 -17.63 26.59 12.24
CA THR A 642 -16.71 27.62 12.76
C THR A 642 -15.23 27.22 12.55
N SER A 643 -14.93 26.21 11.73
CA SER A 643 -13.55 25.64 11.64
C SER A 643 -12.90 26.05 10.32
N ARG A 644 -11.67 26.58 10.36
CA ARG A 644 -10.87 26.88 9.14
C ARG A 644 -10.33 25.57 8.54
N PHE A 645 -11.06 24.45 8.70
CA PHE A 645 -10.81 23.15 8.02
C PHE A 645 -11.57 23.14 6.70
N PRO A 646 -10.88 22.85 5.55
CA PRO A 646 -11.31 23.33 4.24
C PRO A 646 -12.80 23.12 3.90
N ARG A 647 -13.35 24.00 3.05
CA ARG A 647 -14.75 24.00 2.56
C ARG A 647 -15.15 22.59 2.12
N SER A 648 -14.27 21.91 1.39
CA SER A 648 -14.44 20.53 0.88
C SER A 648 -14.72 19.58 2.06
N LYS A 649 -13.83 19.62 3.06
CA LYS A 649 -13.77 18.70 4.23
C LYS A 649 -15.00 18.96 5.10
N LYS A 650 -15.24 20.24 5.44
CA LYS A 650 -16.44 20.71 6.19
C LYS A 650 -17.64 19.87 5.75
N GLN A 651 -17.79 19.65 4.44
CA GLN A 651 -18.85 18.78 3.84
C GLN A 651 -18.50 17.31 4.10
N ARG A 652 -17.21 16.96 4.12
CA ARG A 652 -16.75 15.55 4.19
C ARG A 652 -16.74 14.99 5.62
N ILE A 653 -16.78 15.82 6.66
CA ILE A 653 -16.80 15.33 8.08
C ILE A 653 -18.25 15.05 8.50
N LEU A 654 -19.23 15.75 7.91
CA LEU A 654 -20.67 15.64 8.25
C LEU A 654 -21.45 15.19 7.01
N LEU A 655 -21.71 13.89 6.85
CA LEU A 655 -22.49 13.38 5.69
C LEU A 655 -23.80 12.75 6.15
N GLN A 656 -23.71 11.70 6.97
CA GLN A 656 -24.78 10.67 7.15
C GLN A 656 -24.74 9.73 5.94
N ASP A 661 -20.56 4.45 0.63
CA ASP A 661 -20.35 2.99 0.80
C ASP A 661 -19.01 2.58 0.15
N GLY A 662 -19.04 2.16 -1.12
CA GLY A 662 -17.86 1.70 -1.91
C GLY A 662 -16.81 2.83 -2.00
N PHE A 663 -15.57 2.50 -1.63
CA PHE A 663 -14.38 3.38 -1.63
C PHE A 663 -14.15 4.02 -3.02
N LYS A 664 -14.91 5.06 -3.37
CA LYS A 664 -14.70 5.94 -4.56
C LYS A 664 -13.28 6.55 -4.46
N GLU A 665 -12.52 6.58 -5.57
CA GLU A 665 -11.11 7.06 -5.61
C GLU A 665 -10.17 6.04 -4.94
N ARG A 666 -9.26 5.41 -5.70
CA ARG A 666 -8.06 4.71 -5.16
C ARG A 666 -7.08 4.32 -6.28
N ASN A 667 -5.85 3.98 -5.86
CA ASN A 667 -4.57 3.86 -6.63
C ASN A 667 -4.72 4.14 -8.12
N LEU A 668 -4.73 5.41 -8.52
CA LEU A 668 -4.43 5.80 -9.92
C LEU A 668 -2.92 5.80 -10.14
N ASN A 669 -2.10 5.93 -9.08
CA ASN A 669 -0.60 5.80 -9.14
C ASN A 669 -0.17 4.55 -9.90
N ASP A 670 -0.79 3.41 -9.60
CA ASP A 670 -0.48 2.11 -10.24
C ASP A 670 -0.86 2.17 -11.73
N THR A 671 -2.01 2.77 -12.08
CA THR A 671 -2.41 2.97 -13.50
C THR A 671 -1.32 3.82 -14.20
N ARG A 672 -1.00 5.00 -13.68
CA ARG A 672 0.08 5.87 -14.21
C ARG A 672 1.26 5.00 -14.61
N TYR A 673 1.80 4.28 -13.64
CA TYR A 673 3.08 3.55 -13.77
C TYR A 673 2.94 2.50 -14.85
N VAL A 674 1.93 1.65 -14.76
CA VAL A 674 1.68 0.56 -15.74
C VAL A 674 1.79 1.15 -17.15
N ASN A 675 1.05 2.22 -17.41
CA ASN A 675 0.85 2.75 -18.77
C ASN A 675 2.13 3.45 -19.25
N ARG A 676 2.77 4.23 -18.39
CA ARG A 676 4.02 4.96 -18.71
C ARG A 676 5.03 3.93 -19.16
N PHE A 677 5.26 2.93 -18.34
CA PHE A 677 6.26 1.88 -18.59
C PHE A 677 5.87 1.11 -19.85
N LEU A 678 4.60 0.79 -20.02
CA LEU A 678 4.21 -0.01 -21.18
C LEU A 678 4.55 0.80 -22.45
N CYS A 679 4.24 2.10 -22.51
CA CYS A 679 4.54 2.94 -23.72
C CYS A 679 6.04 2.87 -24.02
N GLN A 680 6.88 3.06 -23.00
CA GLN A 680 8.36 2.96 -23.10
C GLN A 680 8.75 1.61 -23.65
N PHE A 681 8.19 0.53 -23.09
CA PHE A 681 8.62 -0.87 -23.35
C PHE A 681 8.23 -1.29 -24.77
N VAL A 682 6.99 -1.02 -25.16
CA VAL A 682 6.48 -1.36 -26.50
C VAL A 682 7.30 -0.56 -27.53
N ALA A 683 7.47 0.74 -27.31
CA ALA A 683 8.21 1.61 -28.25
C ALA A 683 9.63 1.06 -28.43
N ASP A 684 10.24 0.54 -27.37
CA ASP A 684 11.66 0.13 -27.43
C ASP A 684 11.77 -1.26 -28.08
N ARG A 685 10.92 -2.22 -27.74
CA ARG A 685 11.23 -3.64 -28.04
C ARG A 685 10.08 -4.36 -28.72
N MET A 686 9.35 -3.75 -29.62
CA MET A 686 8.30 -4.48 -30.37
C MET A 686 8.33 -4.09 -31.84
N ARG A 687 8.25 -5.09 -32.72
CA ARG A 687 8.15 -4.89 -34.19
C ARG A 687 6.74 -4.40 -34.48
N LEU A 688 6.61 -3.30 -35.23
CA LEU A 688 5.30 -2.84 -35.77
C LEU A 688 5.45 -2.37 -37.22
N THR A 689 4.31 -2.28 -37.89
CA THR A 689 4.14 -2.19 -39.35
C THR A 689 4.04 -0.72 -39.77
N GLY A 690 4.00 0.20 -38.81
CA GLY A 690 3.54 1.59 -39.03
C GLY A 690 4.46 2.41 -39.91
N LYS A 691 3.96 3.57 -40.35
CA LYS A 691 4.62 4.40 -41.39
C LYS A 691 5.94 4.94 -40.81
N GLY A 692 5.94 5.52 -39.60
CA GLY A 692 7.02 6.40 -39.09
C GLY A 692 8.17 5.64 -38.43
N LYS A 693 8.98 6.30 -37.59
CA LYS A 693 9.91 5.63 -36.65
C LYS A 693 9.22 5.41 -35.27
N LYS A 694 8.28 6.28 -34.92
CA LYS A 694 7.49 6.24 -33.65
C LYS A 694 6.06 5.75 -33.91
N ARG A 695 5.79 4.46 -33.70
CA ARG A 695 4.45 3.88 -33.99
C ARG A 695 3.80 3.36 -32.70
N VAL A 696 4.14 3.95 -31.56
CA VAL A 696 3.36 3.85 -30.30
C VAL A 696 2.88 5.24 -29.97
N PHE A 697 1.58 5.45 -29.90
CA PHE A 697 0.99 6.74 -29.46
C PHE A 697 0.57 6.60 -28.00
N ALA A 698 0.98 7.49 -27.14
CA ALA A 698 0.58 7.52 -25.72
C ALA A 698 -0.44 8.63 -25.59
N SER A 699 -1.71 8.30 -25.85
CA SER A 699 -2.91 9.11 -25.51
C SER A 699 -3.05 9.18 -23.98
N ASN A 700 -4.15 9.76 -23.53
CA ASN A 700 -4.39 9.93 -22.08
C ASN A 700 -5.91 9.88 -21.83
N GLY A 701 -6.30 9.94 -20.57
CA GLY A 701 -7.73 9.87 -20.20
C GLY A 701 -8.50 11.05 -20.74
N GLN A 702 -8.06 12.26 -20.38
CA GLN A 702 -8.69 13.55 -20.74
C GLN A 702 -9.01 13.51 -22.24
N ILE A 703 -8.06 13.05 -23.08
CA ILE A 703 -8.22 13.00 -24.56
C ILE A 703 -9.44 12.14 -24.89
N THR A 704 -9.49 10.91 -24.38
CA THR A 704 -10.56 9.97 -24.80
C THR A 704 -11.91 10.44 -24.21
N ASN A 705 -11.92 10.95 -22.98
CA ASN A 705 -13.10 11.63 -22.39
C ASN A 705 -13.61 12.71 -23.37
N LEU A 706 -12.72 13.56 -23.90
CA LEU A 706 -13.12 14.69 -24.79
C LEU A 706 -13.72 14.13 -26.07
N LEU A 707 -13.01 13.18 -26.71
CA LEU A 707 -13.39 12.59 -28.02
C LEU A 707 -14.73 11.87 -27.88
N ARG A 708 -14.91 11.12 -26.79
CA ARG A 708 -16.20 10.46 -26.51
C ARG A 708 -17.26 11.53 -26.33
N GLY A 709 -16.91 12.66 -25.71
CA GLY A 709 -17.78 13.86 -25.68
C GLY A 709 -18.24 14.24 -27.09
N PHE A 710 -17.30 14.29 -28.04
CA PHE A 710 -17.52 14.79 -29.42
C PHE A 710 -18.23 13.73 -30.25
N TRP A 711 -18.03 12.46 -29.93
CA TRP A 711 -18.53 11.36 -30.80
C TRP A 711 -19.80 10.73 -30.20
N GLY A 712 -20.39 11.37 -29.19
CA GLY A 712 -21.71 11.07 -28.60
C GLY A 712 -21.76 9.79 -27.77
N LEU A 713 -20.72 9.49 -27.00
CA LEU A 713 -20.62 8.28 -26.15
C LEU A 713 -20.38 8.61 -24.66
N ARG A 714 -20.87 9.74 -24.12
CA ARG A 714 -20.70 10.03 -22.65
C ARG A 714 -21.85 9.33 -21.90
N LYS A 715 -21.55 8.41 -20.94
CA LYS A 715 -22.54 7.54 -20.24
C LYS A 715 -21.92 6.88 -18.98
N VAL A 716 -22.74 6.29 -18.08
CA VAL A 716 -22.35 5.76 -16.72
C VAL A 716 -22.26 4.22 -16.73
N ARG A 717 -21.54 3.62 -15.76
CA ARG A 717 -20.75 2.37 -15.94
C ARG A 717 -21.23 1.16 -15.10
N ALA A 718 -22.30 1.26 -14.29
CA ALA A 718 -22.78 0.11 -13.48
C ALA A 718 -23.22 -1.03 -14.40
N GLU A 719 -23.52 -0.72 -15.68
CA GLU A 719 -24.09 -1.61 -16.71
C GLU A 719 -23.19 -2.81 -17.00
N ASN A 720 -21.87 -2.62 -17.12
CA ASN A 720 -20.94 -3.73 -17.49
C ASN A 720 -19.48 -3.32 -17.26
N ASP A 721 -18.60 -4.32 -17.18
CA ASP A 721 -17.12 -4.19 -17.27
C ASP A 721 -16.72 -3.95 -18.73
N ARG A 722 -17.67 -3.89 -19.63
CA ARG A 722 -17.38 -3.94 -21.08
C ARG A 722 -17.04 -2.53 -21.58
N HIS A 723 -17.33 -1.50 -20.80
CA HIS A 723 -16.99 -0.11 -21.18
C HIS A 723 -15.48 -0.05 -21.46
N HIS A 724 -14.70 -0.89 -20.77
CA HIS A 724 -13.22 -0.97 -20.95
C HIS A 724 -12.86 -1.22 -22.41
N ALA A 725 -13.64 -2.00 -23.16
CA ALA A 725 -13.44 -2.26 -24.59
C ALA A 725 -13.77 -0.99 -25.36
N LEU A 726 -14.84 -0.32 -25.00
CA LEU A 726 -15.34 0.88 -25.73
C LEU A 726 -14.22 1.93 -25.76
N ASP A 727 -13.73 2.32 -24.59
CA ASP A 727 -12.63 3.31 -24.43
C ASP A 727 -11.46 2.87 -25.29
N ALA A 728 -11.12 1.58 -25.27
CA ALA A 728 -10.05 0.99 -26.11
C ALA A 728 -10.26 1.43 -27.57
N VAL A 729 -11.46 1.30 -28.13
CA VAL A 729 -11.65 1.61 -29.58
C VAL A 729 -11.51 3.11 -29.74
N VAL A 730 -12.07 3.90 -28.81
CA VAL A 730 -11.87 5.37 -28.90
C VAL A 730 -10.35 5.65 -28.88
N VAL A 731 -9.59 4.99 -28.00
CA VAL A 731 -8.09 5.06 -28.00
C VAL A 731 -7.54 4.66 -29.37
N ALA A 732 -8.03 3.58 -29.99
CA ALA A 732 -7.47 3.07 -31.26
C ALA A 732 -7.70 4.12 -32.36
N CYS A 733 -8.73 4.94 -32.21
CA CYS A 733 -9.12 5.96 -33.21
C CYS A 733 -8.48 7.31 -32.86
N SER A 734 -8.14 7.55 -31.59
CA SER A 734 -7.37 8.73 -31.10
C SER A 734 -6.06 8.79 -31.86
N THR A 735 -5.66 10.00 -32.23
CA THR A 735 -4.46 10.20 -33.08
C THR A 735 -3.65 11.41 -32.59
N VAL A 736 -2.40 11.46 -33.07
CA VAL A 736 -1.41 12.51 -32.69
C VAL A 736 -1.96 13.88 -33.09
N ALA A 737 -2.43 13.98 -34.33
CA ALA A 737 -3.15 15.15 -34.85
C ALA A 737 -4.19 15.65 -33.83
N MET A 738 -4.99 14.74 -33.28
CA MET A 738 -6.11 15.08 -32.37
C MET A 738 -5.48 15.58 -31.06
N GLN A 739 -4.41 14.92 -30.62
CA GLN A 739 -3.67 15.30 -29.39
C GLN A 739 -3.33 16.79 -29.50
N GLN A 740 -2.72 17.17 -30.63
CA GLN A 740 -2.21 18.55 -30.86
C GLN A 740 -3.37 19.51 -31.05
N LYS A 741 -4.37 19.14 -31.85
CA LYS A 741 -5.49 20.07 -32.11
C LYS A 741 -6.16 20.38 -30.77
N ILE A 742 -6.51 19.34 -30.02
CA ILE A 742 -7.09 19.49 -28.65
C ILE A 742 -6.16 20.35 -27.80
N THR A 743 -4.87 19.97 -27.74
CA THR A 743 -3.90 20.62 -26.83
C THR A 743 -3.88 22.14 -27.10
N ARG A 744 -3.84 22.54 -28.37
CA ARG A 744 -3.81 23.96 -28.79
C ARG A 744 -5.17 24.59 -28.49
N PHE A 745 -6.25 23.82 -28.59
CA PHE A 745 -7.62 24.30 -28.25
C PHE A 745 -7.71 24.65 -26.77
N VAL A 746 -7.20 23.80 -25.86
CA VAL A 746 -7.38 24.04 -24.40
C VAL A 746 -6.31 25.01 -23.91
N ARG A 747 -5.13 25.00 -24.54
CA ARG A 747 -3.97 25.79 -24.09
C ARG A 747 -4.07 27.22 -24.60
N TYR A 748 -4.54 27.41 -25.83
CA TYR A 748 -4.48 28.71 -26.53
C TYR A 748 -5.88 29.29 -26.72
N LYS A 749 -6.94 28.48 -26.73
CA LYS A 749 -8.30 28.98 -27.04
C LYS A 749 -9.29 28.68 -25.90
N GLU A 750 -8.80 28.44 -24.68
CA GLU A 750 -9.64 28.43 -23.45
C GLU A 750 -10.72 27.35 -23.54
N MET A 751 -10.41 26.21 -24.16
CA MET A 751 -11.33 25.05 -24.20
C MET A 751 -11.15 24.28 -22.88
N ASN A 752 -12.27 23.89 -22.25
CA ASN A 752 -12.24 23.06 -21.03
C ASN A 752 -11.75 21.67 -21.42
N ALA A 753 -10.75 21.18 -20.71
CA ALA A 753 -10.10 19.87 -20.96
C ALA A 753 -10.95 18.73 -20.38
N PHE A 754 -12.11 19.05 -19.79
CA PHE A 754 -12.97 18.05 -19.10
C PHE A 754 -14.30 17.88 -19.85
N ASP A 755 -14.95 18.94 -20.34
CA ASP A 755 -16.25 18.80 -21.05
C ASP A 755 -16.16 19.33 -22.49
N GLY A 756 -15.08 20.01 -22.86
CA GLY A 756 -14.81 20.38 -24.26
C GLY A 756 -15.66 21.55 -24.70
N LYS A 757 -15.85 22.54 -23.82
CA LYS A 757 -16.69 23.74 -24.09
C LYS A 757 -15.86 25.01 -23.82
N THR A 758 -16.04 26.03 -24.67
CA THR A 758 -15.43 27.37 -24.50
C THR A 758 -16.53 28.42 -24.32
N ILE A 759 -16.43 29.25 -23.28
CA ILE A 759 -17.25 30.49 -23.11
C ILE A 759 -16.93 31.42 -24.31
N ASP A 760 -17.93 31.80 -25.11
CA ASP A 760 -17.78 32.76 -26.25
C ASP A 760 -16.69 32.28 -27.22
N THR A 763 -17.28 36.73 -23.86
CA THR A 763 -18.75 36.73 -23.70
C THR A 763 -19.45 36.57 -25.07
N GLY A 764 -20.44 35.67 -25.14
CA GLY A 764 -21.09 35.27 -26.41
C GLY A 764 -22.02 34.07 -26.25
N GLU A 765 -21.80 33.23 -25.22
CA GLU A 765 -22.68 32.10 -24.78
C GLU A 765 -21.80 31.03 -24.09
N VAL A 766 -21.98 29.75 -24.46
CA VAL A 766 -21.00 28.64 -24.23
C VAL A 766 -21.32 27.49 -25.19
N LEU A 767 -20.34 27.05 -25.99
CA LEU A 767 -20.53 26.10 -27.12
C LEU A 767 -19.58 24.92 -26.96
N HIS A 768 -20.02 23.74 -27.40
CA HIS A 768 -19.24 22.47 -27.38
C HIS A 768 -18.46 22.39 -28.69
N GLN A 769 -17.13 22.38 -28.63
CA GLN A 769 -16.28 22.43 -29.85
C GLN A 769 -16.34 21.05 -30.48
N LYS A 770 -17.54 20.56 -30.76
CA LYS A 770 -17.82 19.17 -31.16
C LYS A 770 -17.51 19.03 -32.64
N THR A 771 -17.89 20.05 -33.42
CA THR A 771 -17.85 20.05 -34.91
C THR A 771 -16.39 19.83 -35.33
N HIS A 772 -15.44 20.52 -34.68
CA HIS A 772 -13.99 20.55 -35.01
C HIS A 772 -13.34 19.16 -34.95
N PHE A 773 -13.93 18.22 -34.23
CA PHE A 773 -13.42 16.84 -34.11
C PHE A 773 -14.46 15.85 -34.62
N PRO A 774 -14.43 15.52 -35.93
CA PRO A 774 -15.28 14.46 -36.47
C PRO A 774 -14.92 13.02 -36.08
N GLN A 775 -15.95 12.16 -36.08
CA GLN A 775 -15.86 10.71 -35.76
C GLN A 775 -15.15 9.97 -36.89
N PRO A 776 -14.44 8.87 -36.62
CA PRO A 776 -13.80 8.07 -37.67
C PRO A 776 -14.67 7.68 -38.87
N TRP A 777 -15.93 7.30 -38.69
CA TRP A 777 -16.92 7.03 -39.80
C TRP A 777 -18.31 7.52 -39.38
N GLU A 778 -19.32 7.41 -40.26
CA GLU A 778 -20.58 8.19 -40.12
C GLU A 778 -21.35 7.69 -38.90
N PHE A 779 -21.41 6.38 -38.73
CA PHE A 779 -22.18 5.73 -37.64
C PHE A 779 -21.21 5.07 -36.65
N PHE A 780 -20.57 5.87 -35.80
CA PHE A 780 -19.58 5.38 -34.83
C PHE A 780 -20.31 4.95 -33.57
N ALA A 781 -21.10 5.86 -33.00
CA ALA A 781 -21.89 5.61 -31.78
C ALA A 781 -22.64 4.28 -31.95
N GLN A 782 -23.55 4.18 -32.91
CA GLN A 782 -24.33 2.95 -33.17
C GLN A 782 -23.39 1.74 -33.22
N GLU A 783 -22.43 1.70 -34.15
CA GLU A 783 -21.63 0.48 -34.45
C GLU A 783 -20.93 0.01 -33.16
N VAL A 784 -20.30 0.95 -32.48
CA VAL A 784 -19.36 0.61 -31.38
C VAL A 784 -20.20 0.15 -30.19
N MET A 785 -21.28 0.86 -29.86
CA MET A 785 -22.14 0.50 -28.70
C MET A 785 -22.68 -0.91 -28.93
N ILE A 786 -23.11 -1.23 -30.14
CA ILE A 786 -23.71 -2.55 -30.46
C ILE A 786 -22.62 -3.61 -30.30
N ARG A 787 -21.41 -3.34 -30.75
CA ARG A 787 -20.38 -4.40 -30.81
C ARG A 787 -19.84 -4.66 -29.40
N VAL A 788 -19.94 -3.64 -28.51
CA VAL A 788 -19.34 -3.59 -27.16
C VAL A 788 -20.38 -3.92 -26.10
N PHE A 789 -21.67 -3.93 -26.42
CA PHE A 789 -22.75 -4.17 -25.42
C PHE A 789 -23.74 -5.23 -25.92
N GLY A 790 -23.86 -5.42 -27.23
CA GLY A 790 -24.85 -6.31 -27.86
C GLY A 790 -26.21 -5.64 -28.00
N LYS A 791 -26.34 -4.36 -27.61
CA LYS A 791 -27.62 -3.63 -27.69
C LYS A 791 -27.41 -2.34 -28.47
N PRO A 792 -28.44 -1.81 -29.16
CA PRO A 792 -28.33 -0.50 -29.79
C PRO A 792 -28.25 0.65 -28.76
N ASP A 793 -27.60 1.74 -29.17
CA ASP A 793 -27.11 2.85 -28.30
C ASP A 793 -28.30 3.46 -27.53
N GLY A 794 -29.44 3.62 -28.19
CA GLY A 794 -30.64 4.29 -27.64
C GLY A 794 -31.02 3.82 -26.25
N LYS A 795 -31.32 2.53 -26.07
CA LYS A 795 -31.91 1.98 -24.83
C LYS A 795 -31.18 0.73 -24.38
N PRO A 796 -30.76 0.67 -23.09
CA PRO A 796 -30.24 -0.58 -22.52
C PRO A 796 -31.28 -1.69 -22.24
N GLU A 797 -32.59 -1.40 -22.36
CA GLU A 797 -33.70 -2.31 -21.97
C GLU A 797 -33.60 -3.60 -22.77
N PHE A 798 -33.29 -3.51 -24.06
CA PHE A 798 -33.45 -4.60 -25.07
C PHE A 798 -32.64 -5.83 -24.63
N GLU A 799 -33.15 -7.01 -24.98
CA GLU A 799 -32.38 -8.27 -24.95
C GLU A 799 -31.04 -8.01 -25.64
N GLU A 800 -29.98 -8.69 -25.20
CA GLU A 800 -28.65 -8.65 -25.85
C GLU A 800 -28.63 -9.70 -26.98
N ALA A 801 -28.27 -9.26 -28.18
CA ALA A 801 -27.76 -10.15 -29.25
C ALA A 801 -26.55 -10.93 -28.72
N ASP A 802 -26.80 -11.96 -27.91
CA ASP A 802 -25.76 -12.71 -27.16
C ASP A 802 -25.17 -13.83 -28.03
N THR A 803 -25.55 -13.93 -29.30
CA THR A 803 -25.05 -14.97 -30.24
C THR A 803 -24.43 -14.30 -31.45
N LEU A 804 -23.76 -15.09 -32.27
CA LEU A 804 -23.12 -14.65 -33.52
C LEU A 804 -24.18 -13.99 -34.42
N GLU A 805 -25.18 -14.77 -34.84
CA GLU A 805 -26.07 -14.42 -35.98
C GLU A 805 -27.08 -13.39 -35.49
N LYS A 806 -27.39 -13.41 -34.17
CA LYS A 806 -28.27 -12.40 -33.53
C LYS A 806 -27.61 -11.04 -33.72
N LEU A 807 -26.32 -10.98 -33.44
CA LEU A 807 -25.56 -9.70 -33.48
C LEU A 807 -25.51 -9.23 -34.93
N ARG A 808 -25.11 -10.11 -35.84
CA ARG A 808 -24.97 -9.76 -37.27
C ARG A 808 -26.31 -9.22 -37.79
N THR A 809 -27.43 -9.85 -37.43
CA THR A 809 -28.80 -9.43 -37.84
C THR A 809 -29.10 -8.04 -37.25
N LEU A 810 -28.70 -7.79 -36.00
CA LEU A 810 -28.97 -6.50 -35.31
C LEU A 810 -28.14 -5.39 -35.98
N LEU A 811 -26.85 -5.66 -36.22
CA LEU A 811 -25.92 -4.71 -36.90
C LEU A 811 -26.42 -4.42 -38.32
N ALA A 812 -26.70 -5.46 -39.11
CA ALA A 812 -27.30 -5.36 -40.45
C ALA A 812 -28.52 -4.44 -40.39
N GLU A 813 -29.37 -4.63 -39.39
CA GLU A 813 -30.71 -3.98 -39.29
C GLU A 813 -30.55 -2.50 -38.88
N LYS A 814 -29.63 -2.20 -37.97
CA LYS A 814 -29.64 -0.89 -37.26
C LYS A 814 -28.65 0.07 -37.92
N LEU A 815 -27.49 -0.41 -38.36
CA LEU A 815 -26.64 0.29 -39.37
C LEU A 815 -27.18 -0.13 -40.75
N SER A 816 -28.28 0.52 -41.19
CA SER A 816 -29.02 0.30 -42.46
C SER A 816 -28.03 0.24 -43.63
N SER A 817 -27.08 1.19 -43.62
CA SER A 817 -26.30 1.65 -44.79
C SER A 817 -24.81 1.30 -44.69
N ARG A 818 -24.31 0.71 -43.60
CA ARG A 818 -22.84 0.50 -43.42
C ARG A 818 -22.49 -0.99 -43.54
N PRO A 819 -22.28 -1.50 -44.78
CA PRO A 819 -21.80 -2.86 -45.00
C PRO A 819 -20.45 -3.35 -44.46
N GLU A 820 -19.57 -2.46 -43.97
CA GLU A 820 -18.19 -2.87 -43.59
C GLU A 820 -18.20 -3.22 -42.10
N ALA A 821 -19.22 -2.79 -41.36
CA ALA A 821 -19.44 -3.06 -39.92
C ALA A 821 -19.57 -4.56 -39.65
N VAL A 822 -20.24 -5.30 -40.54
CA VAL A 822 -20.52 -6.75 -40.39
C VAL A 822 -19.57 -7.53 -41.31
N HIS A 823 -18.73 -8.39 -40.73
CA HIS A 823 -17.65 -9.14 -41.43
C HIS A 823 -17.38 -10.46 -40.70
N GLU A 824 -16.30 -11.15 -41.04
CA GLU A 824 -15.94 -12.45 -40.40
C GLU A 824 -15.85 -12.29 -38.88
N TYR A 825 -14.95 -11.42 -38.40
CA TYR A 825 -14.42 -11.42 -37.01
C TYR A 825 -15.39 -10.73 -36.02
N VAL A 826 -16.70 -10.87 -36.22
CA VAL A 826 -17.71 -10.19 -35.39
C VAL A 826 -18.35 -11.20 -34.43
N THR A 827 -17.58 -11.77 -33.48
CA THR A 827 -18.09 -12.50 -32.28
C THR A 827 -18.74 -11.48 -31.34
N PRO A 828 -19.73 -11.87 -30.49
CA PRO A 828 -20.15 -11.01 -29.38
C PRO A 828 -19.09 -10.99 -28.28
N LEU A 829 -19.09 -9.92 -27.51
CA LEU A 829 -18.07 -9.65 -26.48
C LEU A 829 -18.32 -10.55 -25.27
N PHE A 830 -17.43 -11.50 -25.01
CA PHE A 830 -17.45 -12.30 -23.76
C PHE A 830 -16.21 -11.98 -22.94
N VAL A 831 -16.40 -11.29 -21.81
CA VAL A 831 -15.29 -10.81 -20.93
C VAL A 831 -14.51 -12.03 -20.44
N SER A 832 -13.20 -11.97 -20.65
CA SER A 832 -12.20 -12.92 -20.13
C SER A 832 -11.88 -12.54 -18.69
N ARG A 833 -11.97 -13.49 -17.77
CA ARG A 833 -11.44 -13.31 -16.40
C ARG A 833 -10.31 -14.30 -16.24
N ALA A 834 -9.13 -13.77 -15.99
CA ALA A 834 -7.94 -14.57 -15.69
C ALA A 834 -8.31 -15.55 -14.58
N PRO A 835 -7.74 -16.76 -14.62
CA PRO A 835 -7.99 -17.75 -13.58
C PRO A 835 -7.03 -17.52 -12.43
N ASN A 836 -7.29 -18.13 -11.28
CA ASN A 836 -6.43 -18.03 -10.07
C ASN A 836 -6.26 -19.44 -9.52
N ARG A 837 -5.13 -20.07 -9.82
CA ARG A 837 -4.95 -21.52 -9.52
C ARG A 837 -3.80 -21.76 -8.57
N LYS A 838 -3.45 -20.75 -7.76
CA LYS A 838 -2.53 -20.90 -6.60
C LYS A 838 -3.14 -21.90 -5.61
N MET A 839 -2.29 -22.75 -5.02
CA MET A 839 -2.65 -23.61 -3.85
C MET A 839 -2.16 -22.97 -2.57
N SER A 840 -1.46 -21.81 -2.65
CA SER A 840 -1.03 -20.94 -1.53
C SER A 840 -2.25 -20.30 -0.87
N GLY A 841 -2.07 -19.67 0.29
CA GLY A 841 -3.16 -18.87 0.87
C GLY A 841 -3.12 -18.84 2.37
N GLN A 842 -3.86 -17.90 2.95
CA GLN A 842 -4.05 -17.77 4.41
C GLN A 842 -4.58 -19.10 4.95
N GLY A 843 -3.87 -19.78 5.83
CA GLY A 843 -4.26 -21.08 6.43
C GLY A 843 -5.62 -21.04 7.11
N HIS A 844 -5.80 -20.07 8.00
CA HIS A 844 -7.00 -19.87 8.83
C HIS A 844 -7.08 -18.41 9.32
N MET A 845 -8.23 -18.02 9.87
CA MET A 845 -8.43 -16.67 10.45
C MET A 845 -7.62 -16.50 11.72
N GLU A 846 -7.29 -15.26 12.08
CA GLU A 846 -6.19 -14.97 13.02
C GLU A 846 -6.71 -15.05 14.47
N THR A 847 -8.03 -15.03 14.62
CA THR A 847 -8.73 -15.13 15.93
C THR A 847 -8.87 -16.60 16.33
N VAL A 848 -8.13 -17.02 17.34
CA VAL A 848 -8.12 -18.41 17.88
C VAL A 848 -9.24 -18.50 18.90
N LYS A 849 -9.99 -19.59 18.88
CA LYS A 849 -11.10 -19.81 19.83
C LYS A 849 -10.90 -21.13 20.58
N SER A 850 -11.37 -21.18 21.83
CA SER A 850 -11.32 -22.38 22.70
C SER A 850 -12.03 -23.54 22.04
N ALA A 851 -11.44 -24.74 22.04
CA ALA A 851 -11.98 -25.90 21.27
C ALA A 851 -12.43 -27.03 22.19
N LYS A 852 -12.60 -26.71 23.48
CA LYS A 852 -12.82 -27.75 24.50
C LYS A 852 -14.18 -28.35 24.26
N ARG A 853 -15.08 -27.60 23.67
CA ARG A 853 -16.46 -28.04 23.47
C ARG A 853 -16.72 -28.15 21.95
N LEU A 854 -15.67 -28.34 21.17
CA LEU A 854 -15.82 -28.55 19.71
C LEU A 854 -16.70 -29.78 19.54
N ASP A 855 -16.59 -30.74 20.48
CA ASP A 855 -17.43 -31.96 20.66
C ASP A 855 -18.85 -31.68 20.18
N GLU A 856 -19.52 -30.71 20.80
CA GLU A 856 -20.96 -30.41 20.64
C GLU A 856 -21.17 -29.22 19.67
N GLY A 857 -20.18 -28.90 18.85
CA GLY A 857 -20.30 -27.92 17.76
C GLY A 857 -20.18 -26.48 18.24
N VAL A 858 -19.39 -26.21 19.29
CA VAL A 858 -19.21 -24.80 19.77
C VAL A 858 -17.75 -24.56 20.10
N SER A 859 -17.32 -23.32 19.90
CA SER A 859 -16.09 -22.76 20.48
C SER A 859 -16.51 -21.67 21.47
N VAL A 860 -15.60 -21.14 22.27
CA VAL A 860 -15.95 -19.93 23.05
C VAL A 860 -14.79 -18.97 22.94
N LEU A 861 -15.10 -17.68 23.08
CA LEU A 861 -14.11 -16.60 23.00
C LEU A 861 -14.52 -15.52 23.99
N ARG A 862 -13.55 -14.79 24.52
CA ARG A 862 -13.81 -13.60 25.38
C ARG A 862 -14.28 -12.40 24.52
N VAL A 863 -15.59 -12.10 24.42
CA VAL A 863 -16.08 -10.77 23.97
C VAL A 863 -15.84 -9.80 25.14
N PRO A 864 -15.02 -8.74 24.98
CA PRO A 864 -14.92 -7.67 25.96
C PRO A 864 -16.30 -7.03 26.09
N LEU A 865 -16.57 -6.43 27.26
CA LEU A 865 -17.92 -5.93 27.60
C LEU A 865 -18.25 -4.79 26.64
N THR A 866 -17.27 -3.93 26.35
CA THR A 866 -17.51 -2.76 25.46
C THR A 866 -17.79 -3.21 24.03
N GLN A 867 -17.75 -4.52 23.71
CA GLN A 867 -18.16 -5.06 22.38
C GLN A 867 -19.34 -6.04 22.52
N LEU A 868 -19.84 -6.27 23.75
CA LEU A 868 -20.88 -7.30 24.08
C LEU A 868 -22.27 -6.69 23.86
N LYS A 869 -22.94 -7.06 22.79
CA LYS A 869 -24.34 -6.64 22.60
C LYS A 869 -25.26 -7.80 22.99
N LEU A 870 -26.54 -7.49 23.14
CA LEU A 870 -27.58 -8.37 23.72
C LEU A 870 -27.50 -9.77 23.09
N LYS A 871 -27.46 -9.86 21.77
CA LYS A 871 -27.43 -11.16 21.05
C LYS A 871 -26.25 -12.02 21.53
N ASP A 872 -25.09 -11.41 21.80
CA ASP A 872 -23.84 -12.09 22.26
C ASP A 872 -24.03 -12.54 23.70
N LEU A 873 -24.62 -11.69 24.54
CA LEU A 873 -24.90 -11.98 25.97
C LEU A 873 -25.75 -13.25 26.09
N GLU A 874 -26.69 -13.44 25.17
CA GLU A 874 -27.60 -14.61 25.19
C GLU A 874 -26.82 -15.91 25.04
N LYS A 875 -25.52 -15.85 24.71
CA LYS A 875 -24.70 -17.06 24.52
C LYS A 875 -23.47 -16.99 25.42
N MET A 876 -23.39 -16.03 26.34
CA MET A 876 -22.40 -16.07 27.46
C MET A 876 -22.52 -17.45 28.11
N VAL A 877 -21.40 -18.03 28.53
CA VAL A 877 -21.38 -19.46 28.96
C VAL A 877 -21.96 -19.58 30.36
N ASN A 878 -21.58 -18.70 31.28
CA ASN A 878 -22.18 -18.66 32.63
C ASN A 878 -23.50 -17.88 32.62
N ARG A 879 -24.27 -17.93 31.53
CA ARG A 879 -25.62 -17.29 31.47
C ARG A 879 -26.46 -17.85 32.60
N GLU A 880 -26.38 -19.16 32.84
CA GLU A 880 -27.21 -19.86 33.85
C GLU A 880 -26.41 -20.08 35.12
N ARG A 881 -25.10 -20.33 35.01
CA ARG A 881 -24.24 -20.62 36.18
C ARG A 881 -24.15 -19.40 37.12
N GLU A 882 -24.20 -18.17 36.62
CA GLU A 882 -24.31 -16.95 37.48
C GLU A 882 -25.43 -16.10 36.91
N PRO A 883 -26.68 -16.29 37.38
CA PRO A 883 -27.81 -15.67 36.70
C PRO A 883 -27.90 -14.18 37.08
N LYS A 884 -27.34 -13.78 38.21
CA LYS A 884 -27.30 -12.36 38.66
C LYS A 884 -26.45 -11.54 37.69
N LEU A 885 -25.30 -12.10 37.29
CA LEU A 885 -24.41 -11.57 36.24
C LEU A 885 -25.20 -11.35 34.95
N TYR A 886 -25.83 -12.38 34.43
CA TYR A 886 -26.65 -12.23 33.21
C TYR A 886 -27.59 -11.02 33.36
N GLU A 887 -28.40 -10.99 34.42
CA GLU A 887 -29.51 -10.01 34.58
C GLU A 887 -28.90 -8.61 34.73
N ALA A 888 -27.76 -8.50 35.39
CA ALA A 888 -27.09 -7.21 35.62
C ALA A 888 -26.56 -6.65 34.28
N LEU A 889 -25.94 -7.50 33.45
CA LEU A 889 -25.41 -7.13 32.12
C LEU A 889 -26.59 -6.74 31.23
N LYS A 890 -27.63 -7.58 31.17
CA LYS A 890 -28.83 -7.32 30.33
C LYS A 890 -29.44 -5.99 30.77
N ALA A 891 -29.40 -5.71 32.07
CA ALA A 891 -29.99 -4.50 32.67
C ALA A 891 -29.26 -3.28 32.13
N ARG A 892 -27.94 -3.30 32.21
CA ARG A 892 -27.10 -2.16 31.77
C ARG A 892 -27.27 -1.97 30.26
N LEU A 893 -27.31 -3.06 29.49
CA LEU A 893 -27.41 -2.96 28.03
C LEU A 893 -28.76 -2.33 27.71
N GLU A 894 -29.85 -2.94 28.15
CA GLU A 894 -31.23 -2.45 27.87
C GLU A 894 -31.34 -0.97 28.28
N ALA A 895 -30.59 -0.57 29.30
CA ALA A 895 -30.65 0.79 29.88
C ALA A 895 -29.91 1.79 28.98
N HIS A 896 -28.89 1.38 28.21
CA HIS A 896 -28.18 2.28 27.27
C HIS A 896 -28.53 1.86 25.84
N LYS A 897 -29.78 1.49 25.61
CA LYS A 897 -30.34 1.18 24.27
C LYS A 897 -29.37 0.26 23.50
N ASP A 898 -28.81 -0.73 24.16
CA ASP A 898 -28.03 -1.84 23.56
C ASP A 898 -26.78 -1.30 22.86
N ASP A 899 -26.08 -0.35 23.45
CA ASP A 899 -24.80 0.16 22.88
C ASP A 899 -23.70 -0.02 23.92
N PRO A 900 -22.99 -1.17 23.88
CA PRO A 900 -22.02 -1.49 24.93
C PRO A 900 -20.86 -0.50 25.02
N ALA A 901 -20.64 0.30 23.98
CA ALA A 901 -19.61 1.35 23.98
C ALA A 901 -19.92 2.30 25.14
N LYS A 902 -21.20 2.62 25.34
CA LYS A 902 -21.70 3.58 26.37
C LYS A 902 -22.23 2.80 27.58
N ALA A 903 -22.85 1.65 27.35
CA ALA A 903 -23.39 0.79 28.42
C ALA A 903 -22.28 0.50 29.44
N PHE A 904 -21.07 0.19 29.00
CA PHE A 904 -19.99 -0.31 29.90
C PHE A 904 -18.91 0.76 30.12
N ALA A 905 -19.18 2.01 29.81
CA ALA A 905 -18.17 3.09 30.00
C ALA A 905 -17.71 3.13 31.46
N GLU A 906 -18.63 3.08 32.43
CA GLU A 906 -18.28 3.05 33.89
C GLU A 906 -18.12 1.58 34.27
N PRO A 907 -17.09 1.23 35.07
CA PRO A 907 -16.72 -0.15 35.37
C PRO A 907 -17.87 -1.01 35.86
N PHE A 908 -17.91 -2.27 35.44
CA PHE A 908 -18.97 -3.22 35.85
C PHE A 908 -18.38 -4.22 36.83
N TYR A 909 -19.13 -4.51 37.90
CA TYR A 909 -18.62 -5.35 39.02
C TYR A 909 -19.59 -6.49 39.32
N LYS A 910 -19.04 -7.64 39.69
CA LYS A 910 -19.78 -8.77 40.30
C LYS A 910 -20.11 -8.37 41.74
N TYR A 911 -21.32 -8.69 42.21
CA TYR A 911 -21.74 -8.40 43.60
C TYR A 911 -21.97 -9.73 44.32
N ASP A 912 -21.85 -9.69 45.64
CA ASP A 912 -21.53 -10.87 46.49
C ASP A 912 -22.76 -11.36 47.24
N LYS A 913 -23.97 -10.92 46.88
CA LYS A 913 -25.17 -11.59 47.45
C LYS A 913 -25.52 -11.00 48.83
N ALA A 914 -24.55 -10.67 49.68
CA ALA A 914 -24.78 -9.78 50.83
C ALA A 914 -24.88 -8.32 50.34
N GLY A 915 -24.66 -8.06 49.05
CA GLY A 915 -24.76 -6.73 48.42
C GLY A 915 -23.41 -6.03 48.29
N ASN A 916 -22.32 -6.63 48.79
CA ASN A 916 -20.96 -6.05 48.72
C ASN A 916 -20.41 -6.10 47.29
N ARG A 917 -19.54 -5.13 46.98
CA ARG A 917 -18.88 -5.06 45.65
C ARG A 917 -17.65 -5.95 45.64
N THR A 918 -17.53 -6.83 44.65
CA THR A 918 -16.37 -7.74 44.50
C THR A 918 -15.55 -7.32 43.26
N GLN A 919 -15.40 -8.27 42.33
CA GLN A 919 -14.44 -8.23 41.21
C GLN A 919 -15.02 -7.43 40.06
N GLN A 920 -14.15 -6.74 39.31
CA GLN A 920 -14.55 -6.04 38.07
C GLN A 920 -14.67 -7.07 36.95
N VAL A 921 -15.57 -6.83 36.01
CA VAL A 921 -15.63 -7.61 34.74
C VAL A 921 -15.20 -6.72 33.58
N LYS A 922 -14.31 -7.26 32.73
CA LYS A 922 -13.78 -6.54 31.56
C LYS A 922 -14.24 -7.28 30.32
N ALA A 923 -14.32 -8.60 30.41
CA ALA A 923 -14.72 -9.44 29.27
C ALA A 923 -15.23 -10.77 29.80
N VAL A 924 -16.13 -11.38 29.04
CA VAL A 924 -16.81 -12.63 29.45
C VAL A 924 -16.82 -13.60 28.28
N ARG A 925 -16.84 -14.89 28.59
CA ARG A 925 -16.66 -15.95 27.57
C ARG A 925 -18.00 -16.23 26.95
N VAL A 926 -18.02 -16.29 25.62
CA VAL A 926 -19.27 -16.40 24.85
C VAL A 926 -19.16 -17.58 23.90
N GLU A 927 -20.17 -18.43 23.90
CA GLU A 927 -20.31 -19.56 22.96
C GLU A 927 -20.47 -19.03 21.55
N GLN A 928 -19.88 -19.74 20.61
CA GLN A 928 -19.95 -19.46 19.16
C GLN A 928 -20.23 -20.78 18.44
N VAL A 929 -21.15 -20.75 17.48
CA VAL A 929 -21.43 -21.89 16.57
C VAL A 929 -20.15 -22.16 15.78
N GLN A 930 -19.69 -23.40 15.72
CA GLN A 930 -18.44 -23.79 15.02
C GLN A 930 -18.60 -25.22 14.51
N LYS A 931 -19.16 -25.38 13.30
CA LYS A 931 -19.35 -26.69 12.63
C LYS A 931 -18.03 -27.22 12.04
N THR A 932 -16.95 -26.45 12.00
CA THR A 932 -15.66 -26.86 11.41
C THR A 932 -14.54 -25.93 11.88
N GLY A 933 -13.33 -26.13 11.38
CA GLY A 933 -12.22 -25.22 11.71
C GLY A 933 -10.85 -25.86 11.60
N VAL A 934 -9.84 -25.03 11.85
CA VAL A 934 -8.42 -25.38 11.70
C VAL A 934 -7.82 -25.40 13.11
N TRP A 935 -7.30 -26.56 13.51
CA TRP A 935 -6.59 -26.67 14.81
C TRP A 935 -5.32 -25.86 14.69
N VAL A 936 -5.05 -25.04 15.69
CA VAL A 936 -3.89 -24.12 15.69
C VAL A 936 -3.30 -24.04 17.10
N ARG A 937 -2.19 -23.30 17.21
CA ARG A 937 -1.45 -22.97 18.45
C ARG A 937 -1.18 -24.30 19.19
N ASN A 938 -0.36 -25.15 18.58
CA ASN A 938 0.09 -26.44 19.15
C ASN A 938 -1.17 -27.24 19.48
N HIS A 939 -2.17 -27.18 18.61
CA HIS A 939 -3.37 -28.01 18.74
C HIS A 939 -4.11 -27.68 20.05
N ASN A 940 -4.00 -26.42 20.53
CA ASN A 940 -4.71 -25.93 21.75
C ASN A 940 -5.84 -24.94 21.42
N GLY A 941 -6.16 -24.75 20.15
CA GLY A 941 -7.20 -23.79 19.72
C GLY A 941 -7.76 -24.14 18.36
N ILE A 942 -8.91 -23.57 18.03
CA ILE A 942 -9.42 -23.68 16.64
C ILE A 942 -9.81 -22.31 16.10
N ALA A 943 -9.68 -22.15 14.79
CA ALA A 943 -9.98 -20.91 14.04
C ALA A 943 -10.70 -21.26 12.75
N ASP A 944 -11.56 -20.36 12.29
CA ASP A 944 -12.35 -20.55 11.04
C ASP A 944 -11.37 -20.67 9.86
N ASN A 945 -11.80 -21.27 8.75
CA ASN A 945 -10.95 -21.35 7.53
C ASN A 945 -10.86 -19.97 6.92
N ALA A 946 -9.84 -19.79 6.08
CA ALA A 946 -9.53 -18.51 5.42
C ALA A 946 -9.69 -18.62 3.91
N THR A 947 -9.15 -19.66 3.29
CA THR A 947 -9.08 -19.72 1.80
C THR A 947 -9.39 -21.15 1.36
N MET A 948 -10.43 -21.29 0.54
CA MET A 948 -10.79 -22.55 -0.16
C MET A 948 -10.01 -22.60 -1.49
N VAL A 949 -8.93 -23.38 -1.47
CA VAL A 949 -7.95 -23.43 -2.59
C VAL A 949 -8.62 -24.00 -3.85
N ARG A 950 -9.37 -25.10 -3.74
CA ARG A 950 -10.12 -25.65 -4.89
C ARG A 950 -11.29 -26.49 -4.40
N VAL A 951 -12.19 -26.82 -5.33
CA VAL A 951 -13.33 -27.74 -5.11
C VAL A 951 -13.27 -28.86 -6.15
N ASP A 952 -13.14 -30.11 -5.69
CA ASP A 952 -13.15 -31.32 -6.56
C ASP A 952 -14.60 -31.77 -6.75
N VAL A 953 -14.97 -31.98 -8.01
CA VAL A 953 -16.37 -32.30 -8.42
C VAL A 953 -16.41 -33.77 -8.86
N PHE A 954 -17.41 -34.49 -8.35
CA PHE A 954 -17.64 -35.92 -8.66
C PHE A 954 -19.08 -36.11 -9.14
N GLU A 955 -19.28 -37.23 -9.85
CA GLU A 955 -20.60 -37.70 -10.34
C GLU A 955 -20.83 -39.14 -9.85
N LYS A 956 -22.10 -39.44 -9.55
CA LYS A 956 -22.60 -40.80 -9.26
C LYS A 956 -24.11 -40.82 -9.45
N GLY A 957 -24.59 -41.76 -10.25
CA GLY A 957 -26.02 -41.86 -10.62
C GLY A 957 -26.56 -40.54 -11.15
N ASP A 958 -25.83 -39.88 -12.05
CA ASP A 958 -26.25 -38.61 -12.71
C ASP A 958 -26.54 -37.56 -11.62
N LYS A 959 -25.81 -37.65 -10.50
CA LYS A 959 -25.83 -36.64 -9.40
C LYS A 959 -24.39 -36.16 -9.18
N TYR A 960 -24.24 -34.91 -8.71
CA TYR A 960 -22.92 -34.26 -8.52
C TYR A 960 -22.70 -34.02 -7.03
N TYR A 961 -21.44 -34.23 -6.63
CA TYR A 961 -20.96 -34.13 -5.23
C TYR A 961 -19.69 -33.28 -5.22
N LEU A 962 -19.56 -32.32 -4.29
CA LEU A 962 -18.41 -31.38 -4.24
C LEU A 962 -17.56 -31.60 -2.99
N VAL A 963 -16.25 -31.72 -3.14
CA VAL A 963 -15.31 -31.86 -2.00
C VAL A 963 -14.45 -30.59 -1.89
N PRO A 964 -14.65 -29.78 -0.84
CA PRO A 964 -13.82 -28.62 -0.60
C PRO A 964 -12.41 -28.97 -0.10
N ILE A 965 -11.43 -28.26 -0.63
CA ILE A 965 -10.00 -28.37 -0.21
C ILE A 965 -9.51 -26.98 0.16
N TYR A 966 -9.06 -26.84 1.40
CA TYR A 966 -8.59 -25.56 1.98
C TYR A 966 -7.06 -25.54 2.03
N SER A 967 -6.49 -24.35 2.21
CA SER A 967 -5.02 -24.16 2.12
C SER A 967 -4.32 -25.03 3.15
N TRP A 968 -4.93 -25.22 4.31
CA TRP A 968 -4.23 -25.91 5.43
C TRP A 968 -4.13 -27.41 5.15
N GLN A 969 -5.17 -28.00 4.58
CA GLN A 969 -5.12 -29.40 4.13
C GLN A 969 -3.96 -29.52 3.13
N VAL A 970 -3.85 -28.56 2.23
CA VAL A 970 -2.74 -28.61 1.25
C VAL A 970 -1.42 -28.65 2.05
N ALA A 971 -1.25 -27.79 3.04
CA ALA A 971 0.08 -27.63 3.69
C ALA A 971 0.42 -28.90 4.46
N LYS A 972 -0.56 -29.67 4.92
CA LYS A 972 -0.26 -30.89 5.71
C LYS A 972 -0.63 -32.11 4.88
N GLY A 973 -0.72 -31.95 3.56
CA GLY A 973 -0.76 -33.09 2.64
C GLY A 973 -2.11 -33.78 2.63
N ILE A 974 -3.09 -33.29 3.39
CA ILE A 974 -4.41 -33.95 3.50
C ILE A 974 -5.13 -33.78 2.16
N LEU A 975 -5.37 -34.88 1.46
CA LEU A 975 -6.21 -34.94 0.25
C LEU A 975 -7.61 -35.31 0.68
N PRO A 976 -8.56 -34.35 0.73
CA PRO A 976 -9.84 -34.59 1.38
C PRO A 976 -10.71 -35.69 0.75
N ASP A 977 -11.76 -36.07 1.45
CA ASP A 977 -12.34 -37.44 1.51
C ASP A 977 -13.86 -37.37 1.34
N ARG A 978 -14.47 -36.26 1.75
CA ARG A 978 -15.93 -36.19 2.04
C ARG A 978 -16.52 -34.99 1.32
N ALA A 979 -17.53 -35.24 0.50
CA ALA A 979 -18.30 -34.23 -0.25
C ALA A 979 -19.31 -33.55 0.69
N VAL A 980 -19.77 -32.39 0.27
CA VAL A 980 -20.73 -31.59 1.06
C VAL A 980 -22.07 -32.31 1.01
N VAL A 981 -22.84 -32.23 2.11
CA VAL A 981 -24.25 -32.69 2.23
C VAL A 981 -24.98 -31.66 3.09
N GLN A 982 -26.06 -31.06 2.58
CA GLN A 982 -26.51 -29.73 3.04
C GLN A 982 -26.52 -29.73 4.57
N GLY A 983 -27.58 -30.20 5.22
CA GLY A 983 -27.79 -29.83 6.64
C GLY A 983 -27.18 -30.80 7.63
N LYS A 984 -25.83 -30.91 7.70
CA LYS A 984 -25.13 -32.00 8.43
C LYS A 984 -23.65 -31.63 8.66
N ASP A 985 -23.08 -31.94 9.83
CA ASP A 985 -21.62 -31.80 10.11
C ASP A 985 -20.80 -32.66 9.13
N GLU A 986 -19.53 -32.32 8.91
CA GLU A 986 -18.66 -33.03 7.94
C GLU A 986 -18.51 -34.48 8.41
N GLU A 987 -18.54 -34.72 9.72
CA GLU A 987 -18.50 -36.08 10.30
C GLU A 987 -19.42 -37.00 9.48
N ASP A 988 -20.66 -36.56 9.19
CA ASP A 988 -21.72 -37.36 8.53
C ASP A 988 -21.84 -37.00 7.04
N TRP A 989 -20.83 -36.39 6.43
CA TRP A 989 -20.85 -36.00 4.99
C TRP A 989 -20.67 -37.25 4.13
N GLN A 990 -20.93 -37.13 2.83
CA GLN A 990 -20.79 -38.24 1.83
C GLN A 990 -19.32 -38.58 1.57
N LEU A 991 -18.87 -39.74 2.05
CA LEU A 991 -17.50 -40.25 1.77
C LEU A 991 -17.43 -40.64 0.29
N ILE A 992 -16.26 -40.40 -0.29
CA ILE A 992 -15.97 -40.61 -1.75
C ILE A 992 -14.97 -41.77 -1.88
N ASP A 993 -15.39 -42.86 -2.51
CA ASP A 993 -14.60 -44.11 -2.73
C ASP A 993 -14.52 -44.33 -4.24
N ASP A 994 -14.00 -45.47 -4.68
CA ASP A 994 -13.88 -45.82 -6.12
C ASP A 994 -15.26 -45.85 -6.79
N SER A 995 -16.34 -45.92 -6.02
CA SER A 995 -17.73 -45.90 -6.53
C SER A 995 -18.05 -44.61 -7.28
N PHE A 996 -17.22 -43.58 -7.13
CA PHE A 996 -17.58 -42.19 -7.52
C PHE A 996 -16.72 -41.72 -8.67
N ASN A 997 -17.36 -41.10 -9.66
CA ASN A 997 -16.70 -40.66 -10.91
C ASN A 997 -16.23 -39.22 -10.75
N PHE A 998 -14.90 -39.02 -10.71
CA PHE A 998 -14.24 -37.70 -10.64
C PHE A 998 -14.37 -37.00 -12.00
N LYS A 999 -14.78 -35.73 -12.01
CA LYS A 999 -15.03 -35.01 -13.28
C LYS A 999 -13.96 -33.94 -13.49
N PHE A 1000 -13.71 -33.08 -12.50
CA PHE A 1000 -12.73 -31.95 -12.60
C PHE A 1000 -12.53 -31.28 -11.25
N SER A 1001 -11.50 -30.45 -11.16
CA SER A 1001 -11.30 -29.47 -10.06
C SER A 1001 -11.81 -28.10 -10.51
N LEU A 1002 -12.33 -27.32 -9.57
CA LEU A 1002 -12.66 -25.90 -9.79
C LEU A 1002 -11.65 -25.10 -8.98
N HIS A 1003 -11.00 -24.14 -9.62
CA HIS A 1003 -10.27 -23.08 -8.91
C HIS A 1003 -11.12 -21.81 -8.95
N PRO A 1004 -10.90 -20.83 -8.07
CA PRO A 1004 -11.50 -19.51 -8.21
C PRO A 1004 -11.37 -18.99 -9.64
N ASN A 1005 -12.48 -18.51 -10.19
CA ASN A 1005 -12.51 -17.84 -11.52
C ASN A 1005 -12.27 -18.83 -12.67
N ASP A 1006 -12.49 -20.13 -12.46
CA ASP A 1006 -12.66 -21.08 -13.59
C ASP A 1006 -14.07 -20.90 -14.18
N LEU A 1007 -14.18 -21.15 -15.47
CA LEU A 1007 -15.42 -20.94 -16.24
C LEU A 1007 -16.25 -22.22 -16.18
N VAL A 1008 -17.54 -22.12 -15.91
CA VAL A 1008 -18.41 -23.32 -15.74
C VAL A 1008 -19.77 -23.08 -16.38
N GLU A 1009 -20.36 -24.20 -16.80
CA GLU A 1009 -21.72 -24.28 -17.37
C GLU A 1009 -22.52 -25.26 -16.52
N VAL A 1010 -23.74 -24.86 -16.17
CA VAL A 1010 -24.70 -25.68 -15.41
C VAL A 1010 -25.99 -25.72 -16.20
N ILE A 1011 -26.57 -26.90 -16.41
CA ILE A 1011 -27.95 -26.97 -16.99
C ILE A 1011 -28.93 -27.52 -15.95
N THR A 1012 -29.79 -26.66 -15.40
CA THR A 1012 -31.01 -27.01 -14.63
C THR A 1012 -32.15 -27.19 -15.65
N LYS A 1013 -33.09 -28.10 -15.37
CA LYS A 1013 -34.39 -28.21 -16.07
C LYS A 1013 -35.09 -26.85 -15.99
N LYS A 1014 -34.74 -26.01 -15.00
CA LYS A 1014 -35.30 -24.66 -14.77
C LYS A 1014 -34.66 -23.65 -15.74
N ALA A 1015 -33.35 -23.75 -16.00
CA ALA A 1015 -32.57 -22.77 -16.80
C ALA A 1015 -31.14 -23.27 -17.04
N ARG A 1016 -30.37 -22.49 -17.80
CA ARG A 1016 -28.95 -22.79 -18.13
C ARG A 1016 -28.11 -21.62 -17.63
N MET A 1017 -26.98 -21.93 -16.98
CA MET A 1017 -26.06 -20.93 -16.40
C MET A 1017 -24.68 -21.13 -16.99
N PHE A 1018 -23.98 -20.02 -17.18
CA PHE A 1018 -22.62 -19.98 -17.76
C PHE A 1018 -21.91 -18.75 -17.20
N GLY A 1019 -20.78 -18.98 -16.54
CA GLY A 1019 -20.06 -17.92 -15.82
C GLY A 1019 -18.84 -18.45 -15.12
N TYR A 1020 -18.27 -17.60 -14.27
CA TYR A 1020 -16.97 -17.83 -13.61
C TYR A 1020 -17.29 -18.26 -12.18
N PHE A 1021 -16.83 -19.46 -11.84
CA PHE A 1021 -16.96 -20.02 -10.48
C PHE A 1021 -16.37 -19.03 -9.47
N ALA A 1022 -17.12 -18.75 -8.40
CA ALA A 1022 -16.83 -17.71 -7.39
C ALA A 1022 -16.57 -18.36 -6.04
N SER A 1023 -17.57 -19.01 -5.45
CA SER A 1023 -17.45 -19.65 -4.11
C SER A 1023 -18.27 -20.92 -4.04
N CYS A 1024 -18.02 -21.71 -3.01
CA CYS A 1024 -18.79 -22.94 -2.68
C CYS A 1024 -19.17 -22.88 -1.20
N HIS A 1025 -20.45 -23.07 -0.95
CA HIS A 1025 -21.05 -23.05 0.41
C HIS A 1025 -20.84 -24.41 1.13
N ARG A 1026 -20.15 -24.44 2.27
CA ARG A 1026 -20.10 -25.62 3.17
C ARG A 1026 -21.51 -25.99 3.60
N GLY A 1027 -22.22 -25.06 4.22
CA GLY A 1027 -23.55 -25.31 4.81
C GLY A 1027 -24.62 -25.58 3.77
N THR A 1028 -24.35 -25.46 2.49
CA THR A 1028 -25.41 -25.45 1.45
C THR A 1028 -25.05 -26.37 0.30
N GLY A 1029 -23.77 -26.53 -0.03
CA GLY A 1029 -23.27 -27.33 -1.15
C GLY A 1029 -23.64 -26.73 -2.49
N ASN A 1030 -23.94 -25.43 -2.53
CA ASN A 1030 -24.19 -24.67 -3.77
C ASN A 1030 -22.89 -23.99 -4.24
N ILE A 1031 -22.98 -23.34 -5.38
CA ILE A 1031 -21.86 -22.54 -5.94
C ILE A 1031 -22.41 -21.17 -6.27
N ASN A 1032 -21.52 -20.19 -6.27
CA ASN A 1032 -21.79 -18.84 -6.78
C ASN A 1032 -21.11 -18.68 -8.16
N ILE A 1033 -21.82 -18.07 -9.09
CA ILE A 1033 -21.25 -17.80 -10.43
C ILE A 1033 -21.17 -16.30 -10.64
N ARG A 1034 -20.01 -15.85 -11.10
CA ARG A 1034 -19.80 -14.46 -11.56
C ARG A 1034 -20.11 -14.41 -13.06
N ILE A 1035 -21.11 -13.66 -13.49
CA ILE A 1035 -21.34 -13.53 -14.95
C ILE A 1035 -20.23 -12.67 -15.53
N HIS A 1036 -19.81 -12.97 -16.76
CA HIS A 1036 -18.56 -12.43 -17.36
C HIS A 1036 -18.50 -10.90 -17.18
N ASP A 1037 -19.56 -10.19 -17.55
CA ASP A 1037 -19.54 -8.70 -17.60
C ASP A 1037 -20.07 -8.11 -16.29
N LEU A 1038 -20.34 -8.95 -15.28
CA LEU A 1038 -20.86 -8.50 -13.96
C LEU A 1038 -22.06 -7.56 -14.13
N ASP A 1039 -22.90 -7.81 -15.13
CA ASP A 1039 -24.09 -6.99 -15.45
C ASP A 1039 -24.96 -6.98 -14.19
N HIS A 1040 -25.00 -5.85 -13.48
CA HIS A 1040 -25.61 -5.70 -12.13
C HIS A 1040 -27.09 -6.08 -12.14
N LYS A 1041 -27.73 -6.03 -13.31
CA LYS A 1041 -29.19 -6.27 -13.39
C LYS A 1041 -29.48 -7.76 -13.18
N ILE A 1042 -28.53 -8.66 -13.40
CA ILE A 1042 -28.79 -10.11 -13.20
C ILE A 1042 -27.99 -10.61 -12.00
N GLY A 1043 -28.60 -11.51 -11.22
CA GLY A 1043 -28.08 -11.91 -9.90
C GLY A 1043 -28.04 -10.73 -8.94
N LYS A 1044 -27.29 -10.87 -7.84
CA LYS A 1044 -26.95 -9.78 -6.90
C LYS A 1044 -25.65 -9.15 -7.40
N ASN A 1045 -25.79 -8.11 -8.21
CA ASN A 1045 -24.66 -7.33 -8.76
C ASN A 1045 -23.75 -8.24 -9.59
N GLY A 1046 -24.34 -9.12 -10.42
CA GLY A 1046 -23.63 -9.90 -11.44
C GLY A 1046 -23.13 -11.24 -10.92
N ILE A 1047 -23.36 -11.52 -9.63
CA ILE A 1047 -23.09 -12.86 -9.06
C ILE A 1047 -24.43 -13.54 -8.88
N LEU A 1048 -24.60 -14.71 -9.50
CA LEU A 1048 -25.71 -15.64 -9.23
C LEU A 1048 -25.43 -16.37 -7.92
N GLU A 1049 -26.13 -15.98 -6.86
CA GLU A 1049 -26.02 -16.62 -5.53
C GLU A 1049 -26.88 -17.88 -5.51
N GLY A 1050 -26.25 -19.00 -5.14
CA GLY A 1050 -26.92 -20.19 -4.59
C GLY A 1050 -27.33 -21.17 -5.66
N ILE A 1051 -26.52 -21.33 -6.68
CA ILE A 1051 -26.80 -22.31 -7.77
C ILE A 1051 -26.57 -23.70 -7.19
N GLY A 1052 -27.63 -24.50 -7.07
CA GLY A 1052 -27.52 -25.92 -6.71
C GLY A 1052 -26.98 -26.72 -7.88
N VAL A 1053 -26.17 -27.75 -7.66
CA VAL A 1053 -25.68 -28.57 -8.80
C VAL A 1053 -25.92 -30.07 -8.58
N LYS A 1054 -26.57 -30.49 -7.47
CA LYS A 1054 -26.72 -31.94 -7.11
C LYS A 1054 -27.60 -32.64 -8.17
N THR A 1055 -28.75 -32.07 -8.52
CA THR A 1055 -29.74 -32.68 -9.45
C THR A 1055 -29.40 -32.39 -10.93
N ALA A 1056 -28.44 -31.48 -11.19
CA ALA A 1056 -28.19 -30.82 -12.49
C ALA A 1056 -28.05 -31.84 -13.62
N LEU A 1057 -28.70 -31.55 -14.76
CA LEU A 1057 -28.64 -32.37 -16.00
C LEU A 1057 -27.20 -32.41 -16.48
N SER A 1058 -26.52 -31.26 -16.46
CA SER A 1058 -25.06 -31.21 -16.71
C SER A 1058 -24.39 -30.08 -15.92
N PHE A 1059 -23.10 -30.29 -15.68
CA PHE A 1059 -22.22 -29.43 -14.87
C PHE A 1059 -20.78 -29.63 -15.35
N GLN A 1060 -20.39 -28.82 -16.33
CA GLN A 1060 -19.09 -29.00 -17.03
C GLN A 1060 -18.24 -27.73 -16.90
N LYS A 1061 -16.91 -27.93 -16.87
CA LYS A 1061 -15.92 -26.83 -16.71
C LYS A 1061 -15.30 -26.52 -18.07
N TYR A 1062 -15.32 -25.26 -18.47
CA TYR A 1062 -14.79 -24.76 -19.76
C TYR A 1062 -13.47 -24.03 -19.51
N GLN A 1063 -12.80 -23.70 -20.60
CA GLN A 1063 -11.52 -22.96 -20.61
C GLN A 1063 -11.69 -21.85 -21.65
N ILE A 1064 -10.98 -20.74 -21.46
CA ILE A 1064 -11.07 -19.53 -22.32
C ILE A 1064 -9.70 -18.83 -22.37
N ASP A 1065 -9.43 -18.12 -23.47
CA ASP A 1065 -8.13 -17.42 -23.69
C ASP A 1065 -8.28 -15.94 -23.31
N GLU A 1066 -7.22 -15.18 -23.55
CA GLU A 1066 -7.05 -13.82 -22.98
C GLU A 1066 -7.92 -12.82 -23.75
N LEU A 1067 -8.30 -13.14 -24.98
CA LEU A 1067 -9.13 -12.20 -25.79
C LEU A 1067 -10.61 -12.55 -25.63
N GLY A 1068 -10.91 -13.73 -25.07
CA GLY A 1068 -12.31 -14.19 -24.84
C GLY A 1068 -12.87 -14.88 -26.07
N LYS A 1069 -12.10 -15.84 -26.59
CA LYS A 1069 -12.38 -16.49 -27.91
C LYS A 1069 -12.50 -18.00 -27.71
N GLU A 1070 -11.38 -18.69 -27.54
CA GLU A 1070 -11.32 -20.17 -27.71
C GLU A 1070 -11.99 -20.84 -26.50
N ILE A 1071 -13.28 -20.53 -26.28
CA ILE A 1071 -14.14 -21.02 -25.17
C ILE A 1071 -14.38 -22.50 -25.41
N ARG A 1072 -13.70 -23.39 -24.70
CA ARG A 1072 -13.83 -24.82 -25.08
C ARG A 1072 -13.72 -25.74 -23.87
N PRO A 1073 -14.75 -26.61 -23.69
CA PRO A 1073 -14.77 -27.62 -22.63
C PRO A 1073 -13.44 -28.37 -22.45
N CYS A 1074 -13.11 -28.69 -21.19
CA CYS A 1074 -11.89 -29.43 -20.82
C CYS A 1074 -12.25 -30.50 -19.78
N ARG A 1075 -11.74 -31.72 -19.98
CA ARG A 1075 -12.06 -32.89 -19.11
C ARG A 1075 -10.73 -33.43 -18.55
N LEU A 1076 -10.57 -33.45 -17.22
CA LEU A 1076 -9.38 -34.01 -16.51
C LEU A 1076 -9.53 -35.54 -16.41
N LYS A 1077 -8.41 -36.27 -16.48
CA LYS A 1077 -8.34 -37.76 -16.44
C LYS A 1077 -8.20 -38.23 -14.98
N LYS A 1078 -7.20 -37.72 -14.25
CA LYS A 1078 -6.85 -38.11 -12.86
C LYS A 1078 -7.26 -36.98 -11.91
N ARG A 1079 -7.71 -37.33 -10.71
CA ARG A 1079 -7.90 -36.33 -9.62
C ARG A 1079 -6.53 -35.93 -9.11
N PRO A 1080 -6.16 -34.65 -9.24
CA PRO A 1080 -4.79 -34.22 -8.98
C PRO A 1080 -4.46 -34.27 -7.50
N PRO A 1081 -3.18 -34.41 -7.14
CA PRO A 1081 -2.78 -34.42 -5.73
C PRO A 1081 -3.05 -33.04 -5.13
N VAL A 1082 -2.54 -32.80 -3.92
CA VAL A 1082 -2.47 -31.44 -3.34
C VAL A 1082 -1.00 -31.01 -3.29
N ARG A 1083 -0.07 -31.98 -3.31
CA ARG A 1083 1.37 -31.73 -3.56
C ARG A 1083 1.94 -32.84 -4.46
#